data_2HPX
# 
_entry.id   2HPX 
# 
_audit_conform.dict_name       mmcif_pdbx.dic 
_audit_conform.dict_version    5.391 
_audit_conform.dict_location   http://mmcif.pdb.org/dictionaries/ascii/mmcif_pdbx.dic 
# 
loop_
_database_2.database_id 
_database_2.database_code 
_database_2.pdbx_database_accession 
_database_2.pdbx_DOI 
PDB   2HPX         pdb_00002hpx 10.2210/pdb2hpx/pdb 
RCSB  RCSB038621   ?            ?                   
WWPDB D_1000038621 ?            ?                   
# 
loop_
_pdbx_audit_revision_history.ordinal 
_pdbx_audit_revision_history.data_content_type 
_pdbx_audit_revision_history.major_revision 
_pdbx_audit_revision_history.minor_revision 
_pdbx_audit_revision_history.revision_date 
1 'Structure model' 1 0 2007-05-29 
2 'Structure model' 1 1 2008-05-01 
3 'Structure model' 1 2 2011-07-13 
4 'Structure model' 1 3 2018-08-08 
5 'Structure model' 1 4 2024-05-01 
# 
_pdbx_audit_revision_details.ordinal             1 
_pdbx_audit_revision_details.revision_ordinal    1 
_pdbx_audit_revision_details.data_content_type   'Structure model' 
_pdbx_audit_revision_details.provider            repository 
_pdbx_audit_revision_details.type                'Initial release' 
_pdbx_audit_revision_details.description         ? 
_pdbx_audit_revision_details.details             ? 
# 
loop_
_pdbx_audit_revision_group.ordinal 
_pdbx_audit_revision_group.revision_ordinal 
_pdbx_audit_revision_group.data_content_type 
_pdbx_audit_revision_group.group 
1 2 'Structure model' 'Version format compliance' 
2 3 'Structure model' 'Version format compliance' 
3 4 'Structure model' 'Data collection'           
4 4 'Structure model' 'Derived calculations'      
5 4 'Structure model' 'Experimental preparation'  
6 4 'Structure model' 'Source and taxonomy'       
7 5 'Structure model' 'Data collection'           
8 5 'Structure model' 'Database references'       
9 5 'Structure model' 'Derived calculations'      
# 
loop_
_pdbx_audit_revision_category.ordinal 
_pdbx_audit_revision_category.revision_ordinal 
_pdbx_audit_revision_category.data_content_type 
_pdbx_audit_revision_category.category 
1  4 'Structure model' ndb_struct_conf_na               
2  4 'Structure model' pdbx_entity_src_syn              
3  4 'Structure model' pdbx_nmr_ensemble                
4  4 'Structure model' pdbx_nmr_exptl_sample            
5  4 'Structure model' pdbx_nmr_exptl_sample_conditions 
6  4 'Structure model' pdbx_nmr_sample_details          
7  4 'Structure model' pdbx_nmr_software                
8  4 'Structure model' pdbx_nmr_spectrometer            
9  4 'Structure model' pdbx_struct_assembly             
10 4 'Structure model' pdbx_struct_assembly_prop        
11 4 'Structure model' pdbx_struct_oper_list            
12 5 'Structure model' chem_comp_atom                   
13 5 'Structure model' chem_comp_bond                   
14 5 'Structure model' database_2                       
15 5 'Structure model' pdbx_nmr_software                
16 5 'Structure model' struct_conn                      
# 
loop_
_pdbx_audit_revision_item.ordinal 
_pdbx_audit_revision_item.revision_ordinal 
_pdbx_audit_revision_item.data_content_type 
_pdbx_audit_revision_item.item 
1  4 'Structure model' '_pdbx_nmr_ensemble.conformer_selection_criteria'        
2  4 'Structure model' '_pdbx_nmr_ensemble.conformers_calculated_total_number'  
3  4 'Structure model' '_pdbx_nmr_exptl_sample_conditions.ionic_strength_units' 
4  4 'Structure model' '_pdbx_nmr_exptl_sample_conditions.label'                
5  4 'Structure model' '_pdbx_nmr_exptl_sample_conditions.pH_units'             
6  4 'Structure model' '_pdbx_nmr_sample_details.contents'                      
7  4 'Structure model' '_pdbx_nmr_sample_details.label'                         
8  4 'Structure model' '_pdbx_nmr_sample_details.type'                          
9  4 'Structure model' '_pdbx_nmr_software.classification'                      
10 4 'Structure model' '_pdbx_nmr_spectrometer.manufacturer'                    
11 5 'Structure model' '_database_2.pdbx_DOI'                                   
12 5 'Structure model' '_database_2.pdbx_database_accession'                    
13 5 'Structure model' '_pdbx_nmr_software.name'                                
14 5 'Structure model' '_struct_conn.pdbx_leaving_atom_flag'                    
# 
_database_PDB_caveat.id     1 
_database_PDB_caveat.text   
;chirality error at C1' of X4A
;
# 
_pdbx_database_status.status_code                     REL 
_pdbx_database_status.entry_id                        2HPX 
_pdbx_database_status.recvd_initial_deposition_date   2006-07-17 
_pdbx_database_status.deposit_site                    RCSB 
_pdbx_database_status.process_site                    RCSB 
_pdbx_database_status.status_code_sf                  ? 
_pdbx_database_status.status_code_mr                  REL 
_pdbx_database_status.SG_entry                        ? 
_pdbx_database_status.pdb_format_compatible           Y 
_pdbx_database_status.status_code_cs                  ? 
_pdbx_database_status.methods_development_category    ? 
_pdbx_database_status.status_code_nmr_data            ? 
# 
_pdbx_database_related.db_name        PDB 
_pdbx_database_related.db_id          2HOU 
_pdbx_database_related.details        
;13mer duplex DNA containing a 4'-oxidized abasic site, 10 structures
;
_pdbx_database_related.content_type   unspecified 
# 
loop_
_audit_author.name 
_audit_author.pdbx_ordinal 
'Chen, J.'        1 
'Dupradeau, F.Y.' 2 
'Case, D.A.'      3 
'Turner, C.J.'    4 
'Stubbe, J.'      5 
# 
_citation.id                        primary 
_citation.title                     
;Nuclear magnetic resonance structural studies and molecular modeling of duplex DNA containing normal and 4'-oxidized abasic sites.
;
_citation.journal_abbrev            Biochemistry 
_citation.journal_volume            46 
_citation.page_first                3096 
_citation.page_last                 3107 
_citation.year                      2007 
_citation.journal_id_ASTM           BICHAW 
_citation.country                   US 
_citation.journal_id_ISSN           0006-2960 
_citation.journal_id_CSD            0033 
_citation.book_publisher            ? 
_citation.pdbx_database_id_PubMed   17323932 
_citation.pdbx_database_id_DOI      10.1021/bi6024269 
# 
loop_
_citation_author.citation_id 
_citation_author.name 
_citation_author.ordinal 
_citation_author.identifier_ORCID 
primary 'Chen, J.'        1 ? 
primary 'Dupradeau, F.Y.' 2 ? 
primary 'Case, D.A.'      3 ? 
primary 'Turner, C.J.'    4 ? 
primary 'Stubbe, J.'      5 ? 
# 
loop_
_entity.id 
_entity.type 
_entity.src_method 
_entity.pdbx_description 
_entity.formula_weight 
_entity.pdbx_number_of_molecules 
_entity.pdbx_ec 
_entity.pdbx_mutation 
_entity.pdbx_fragment 
_entity.details 
1 polymer syn "5'-D(*CP*CP*AP*AP*AP*GP*(X4A)P*AP*CP*CP*GP*GP*G)-3'" 3893.515 1 ? ? ? 
;strand containing 4'-oxidized abasic site
;
2 polymer syn "5'-D(*CP*CP*CP*GP*GP*TP*AP*CP*TP*TP*TP*GP*G)-3'"     3958.571 1 ? ? ? 'template strand'                           
# 
loop_
_entity_poly.entity_id 
_entity_poly.type 
_entity_poly.nstd_linkage 
_entity_poly.nstd_monomer 
_entity_poly.pdbx_seq_one_letter_code 
_entity_poly.pdbx_seq_one_letter_code_can 
_entity_poly.pdbx_strand_id 
_entity_poly.pdbx_target_identifier 
1 polydeoxyribonucleotide no yes '(DC)(DC)(DA)(DA)(DA)(DG)(X4A)(DA)(DC)(DC)(DG)(DG)(DG)' CCAAAGNACCGGG A ? 
2 polydeoxyribonucleotide no no  '(DC)(DC)(DC)(DG)(DG)(DT)(DA)(DC)(DT)(DT)(DT)(DG)(DG)'  CCCGGTACTTTGG B ? 
# 
loop_
_entity_poly_seq.entity_id 
_entity_poly_seq.num 
_entity_poly_seq.mon_id 
_entity_poly_seq.hetero 
1 1  DC  n 
1 2  DC  n 
1 3  DA  n 
1 4  DA  n 
1 5  DA  n 
1 6  DG  n 
1 7  X4A n 
1 8  DA  n 
1 9  DC  n 
1 10 DC  n 
1 11 DG  n 
1 12 DG  n 
1 13 DG  n 
2 1  DC  n 
2 2  DC  n 
2 3  DC  n 
2 4  DG  n 
2 5  DG  n 
2 6  DT  n 
2 7  DA  n 
2 8  DC  n 
2 9  DT  n 
2 10 DT  n 
2 11 DT  n 
2 12 DG  n 
2 13 DG  n 
# 
loop_
_pdbx_entity_src_syn.entity_id 
_pdbx_entity_src_syn.pdbx_src_id 
_pdbx_entity_src_syn.pdbx_alt_source_flag 
_pdbx_entity_src_syn.pdbx_beg_seq_num 
_pdbx_entity_src_syn.pdbx_end_seq_num 
_pdbx_entity_src_syn.organism_scientific 
_pdbx_entity_src_syn.organism_common_name 
_pdbx_entity_src_syn.ncbi_taxonomy_id 
_pdbx_entity_src_syn.details 
1 1 sample ? ? 'synthetic construct' ? 32630 ? 
2 1 sample ? ? 'synthetic construct' ? 32630 ? 
# 
loop_
_chem_comp.id 
_chem_comp.type 
_chem_comp.mon_nstd_flag 
_chem_comp.name 
_chem_comp.pdbx_synonyms 
_chem_comp.formula 
_chem_comp.formula_weight 
DA  'DNA linking' y "2'-DEOXYADENOSINE-5'-MONOPHOSPHATE"                                           ? 'C10 H14 N5 O6 P' 331.222 
DC  'DNA linking' y "2'-DEOXYCYTIDINE-5'-MONOPHOSPHATE"                                            ? 'C9 H14 N3 O7 P'  307.197 
DG  'DNA linking' y "2'-DEOXYGUANOSINE-5'-MONOPHOSPHATE"                                           ? 'C10 H14 N5 O7 P' 347.221 
DT  'DNA linking' y "THYMIDINE-5'-MONOPHOSPHATE"                                                   ? 'C10 H15 N2 O8 P' 322.208 
X4A 'DNA linking' . '[(2R,3S,5S)-2,3,5-TRIHYDROXYTETRAHYDROFURAN-2-YL]METHYL DIHYDROGEN PHOSPHATE' ? 'C5 H11 O8 P'     230.110 
# 
loop_
_pdbx_poly_seq_scheme.asym_id 
_pdbx_poly_seq_scheme.entity_id 
_pdbx_poly_seq_scheme.seq_id 
_pdbx_poly_seq_scheme.mon_id 
_pdbx_poly_seq_scheme.ndb_seq_num 
_pdbx_poly_seq_scheme.pdb_seq_num 
_pdbx_poly_seq_scheme.auth_seq_num 
_pdbx_poly_seq_scheme.pdb_mon_id 
_pdbx_poly_seq_scheme.auth_mon_id 
_pdbx_poly_seq_scheme.pdb_strand_id 
_pdbx_poly_seq_scheme.pdb_ins_code 
_pdbx_poly_seq_scheme.hetero 
A 1 1  DC  1  1  1  DC  DC5 A . n 
A 1 2  DC  2  2  2  DC  DC  A . n 
A 1 3  DA  3  3  3  DA  DA  A . n 
A 1 4  DA  4  4  4  DA  DA  A . n 
A 1 5  DA  5  5  5  DA  DA  A . n 
A 1 6  DG  6  6  6  DG  DG  A . n 
A 1 7  X4A 7  7  7  X4A X4A A . n 
A 1 8  DA  8  8  8  DA  DA  A . n 
A 1 9  DC  9  9  9  DC  DC  A . n 
A 1 10 DC  10 10 10 DC  DC  A . n 
A 1 11 DG  11 11 11 DG  DG  A . n 
A 1 12 DG  12 12 12 DG  DG  A . n 
A 1 13 DG  13 13 13 DG  DG3 A . n 
B 2 1  DC  1  14 14 DC  DC5 B . n 
B 2 2  DC  2  15 15 DC  DC  B . n 
B 2 3  DC  3  16 16 DC  DC  B . n 
B 2 4  DG  4  17 17 DG  DG  B . n 
B 2 5  DG  5  18 18 DG  DG  B . n 
B 2 6  DT  6  19 19 DT  DT  B . n 
B 2 7  DA  7  20 20 DA  DA  B . n 
B 2 8  DC  8  21 21 DC  DC  B . n 
B 2 9  DT  9  22 22 DT  DT  B . n 
B 2 10 DT  10 23 23 DT  DT  B . n 
B 2 11 DT  11 24 24 DT  DT  B . n 
B 2 12 DG  12 25 25 DG  DG  B . n 
B 2 13 DG  13 26 26 DG  DG3 B . n 
# 
_exptl.entry_id          2HPX 
_exptl.method            'SOLUTION NMR' 
_exptl.crystals_number   ? 
# 
_exptl_crystal.id                    1 
_exptl_crystal.density_meas          ? 
_exptl_crystal.density_Matthews      ? 
_exptl_crystal.density_percent_sol   ? 
_exptl_crystal.description           ? 
# 
_diffrn.id                     1 
_diffrn.ambient_temp           ? 
_diffrn.ambient_temp_details   ? 
_diffrn.crystal_id             1 
# 
_diffrn_radiation.diffrn_id                        1 
_diffrn_radiation.wavelength_id                    1 
_diffrn_radiation.monochromator                    ? 
_diffrn_radiation.pdbx_monochromatic_or_laue_m_l   M 
_diffrn_radiation.pdbx_diffrn_protocol             'SINGLE WAVELENGTH' 
_diffrn_radiation.pdbx_scattering_type             ? 
# 
_diffrn_radiation_wavelength.id           1 
_diffrn_radiation_wavelength.wavelength   . 
_diffrn_radiation_wavelength.wt           1.0 
# 
_struct.entry_id                  2HPX 
_struct.title                     
;13mer Duplex DNA containing a 4'-oxidized abasic site, averaged structure
;
_struct.pdbx_model_details        ? 
_struct.pdbx_CASP_flag            ? 
_struct.pdbx_model_type_details   'minimized average' 
# 
_struct_keywords.entry_id        2HPX 
_struct_keywords.pdbx_keywords   DNA 
_struct_keywords.text            'abasic site, DNA damage, bleomycin, molecular dynamics, DNA' 
# 
loop_
_struct_asym.id 
_struct_asym.pdbx_blank_PDB_chainid_flag 
_struct_asym.pdbx_modified 
_struct_asym.entity_id 
_struct_asym.details 
A N N 1 ? 
B N N 2 ? 
# 
loop_
_struct_ref.id 
_struct_ref.entity_id 
_struct_ref.db_name 
_struct_ref.db_code 
_struct_ref.pdbx_db_accession 
_struct_ref.pdbx_db_isoform 
_struct_ref.pdbx_seq_one_letter_code 
_struct_ref.pdbx_align_begin 
1 1 PDB 2HPX 2HPX ? ? ? 
2 2 PDB 2HPX 2HPX ? ? ? 
# 
loop_
_struct_ref_seq.align_id 
_struct_ref_seq.ref_id 
_struct_ref_seq.pdbx_PDB_id_code 
_struct_ref_seq.pdbx_strand_id 
_struct_ref_seq.seq_align_beg 
_struct_ref_seq.pdbx_seq_align_beg_ins_code 
_struct_ref_seq.seq_align_end 
_struct_ref_seq.pdbx_seq_align_end_ins_code 
_struct_ref_seq.pdbx_db_accession 
_struct_ref_seq.db_align_beg 
_struct_ref_seq.pdbx_db_align_beg_ins_code 
_struct_ref_seq.db_align_end 
_struct_ref_seq.pdbx_db_align_end_ins_code 
_struct_ref_seq.pdbx_auth_seq_align_beg 
_struct_ref_seq.pdbx_auth_seq_align_end 
1 1 2HPX A 1 ? 13 ? 2HPX 1  ? 13 ? 1  13 
2 2 2HPX B 1 ? 13 ? 2HPX 14 ? 26 ? 14 26 
# 
_pdbx_struct_assembly.id                   1 
_pdbx_struct_assembly.details              author_defined_assembly 
_pdbx_struct_assembly.method_details       ? 
_pdbx_struct_assembly.oligomeric_details   dimeric 
_pdbx_struct_assembly.oligomeric_count     2 
# 
loop_
_pdbx_struct_assembly_prop.biol_id 
_pdbx_struct_assembly_prop.type 
_pdbx_struct_assembly_prop.value 
_pdbx_struct_assembly_prop.details 
1 'ABSA (A^2)' 1640 ? 
1 MORE         -7   ? 
1 'SSA (A^2)'  5040 ? 
# 
_pdbx_struct_assembly_gen.assembly_id       1 
_pdbx_struct_assembly_gen.oper_expression   1 
_pdbx_struct_assembly_gen.asym_id_list      A,B 
# 
_pdbx_struct_oper_list.id                   1 
_pdbx_struct_oper_list.type                 'identity operation' 
_pdbx_struct_oper_list.name                 1_555 
_pdbx_struct_oper_list.symmetry_operation   ? 
_pdbx_struct_oper_list.matrix[1][1]         1.0000000000 
_pdbx_struct_oper_list.matrix[1][2]         0.0000000000 
_pdbx_struct_oper_list.matrix[1][3]         0.0000000000 
_pdbx_struct_oper_list.vector[1]            0.0000000000 
_pdbx_struct_oper_list.matrix[2][1]         0.0000000000 
_pdbx_struct_oper_list.matrix[2][2]         1.0000000000 
_pdbx_struct_oper_list.matrix[2][3]         0.0000000000 
_pdbx_struct_oper_list.vector[2]            0.0000000000 
_pdbx_struct_oper_list.matrix[3][1]         0.0000000000 
_pdbx_struct_oper_list.matrix[3][2]         0.0000000000 
_pdbx_struct_oper_list.matrix[3][3]         1.0000000000 
_pdbx_struct_oper_list.vector[3]            0.0000000000 
# 
loop_
_struct_conn.id 
_struct_conn.conn_type_id 
_struct_conn.pdbx_leaving_atom_flag 
_struct_conn.pdbx_PDB_id 
_struct_conn.ptnr1_label_asym_id 
_struct_conn.ptnr1_label_comp_id 
_struct_conn.ptnr1_label_seq_id 
_struct_conn.ptnr1_label_atom_id 
_struct_conn.pdbx_ptnr1_label_alt_id 
_struct_conn.pdbx_ptnr1_PDB_ins_code 
_struct_conn.pdbx_ptnr1_standard_comp_id 
_struct_conn.ptnr1_symmetry 
_struct_conn.ptnr2_label_asym_id 
_struct_conn.ptnr2_label_comp_id 
_struct_conn.ptnr2_label_seq_id 
_struct_conn.ptnr2_label_atom_id 
_struct_conn.pdbx_ptnr2_label_alt_id 
_struct_conn.pdbx_ptnr2_PDB_ins_code 
_struct_conn.ptnr1_auth_asym_id 
_struct_conn.ptnr1_auth_comp_id 
_struct_conn.ptnr1_auth_seq_id 
_struct_conn.ptnr2_auth_asym_id 
_struct_conn.ptnr2_auth_comp_id 
_struct_conn.ptnr2_auth_seq_id 
_struct_conn.ptnr2_symmetry 
_struct_conn.pdbx_ptnr3_label_atom_id 
_struct_conn.pdbx_ptnr3_label_seq_id 
_struct_conn.pdbx_ptnr3_label_comp_id 
_struct_conn.pdbx_ptnr3_label_asym_id 
_struct_conn.pdbx_ptnr3_label_alt_id 
_struct_conn.pdbx_ptnr3_PDB_ins_code 
_struct_conn.details 
_struct_conn.pdbx_dist_value 
_struct_conn.pdbx_value_order 
_struct_conn.pdbx_role 
covale1  covale both ? A DG  6  "O3'" ? ? ? 1_555 A X4A 7  P  ? ? A DG  6  A X4A 7  1_555 ? ? ? ? ? ? ?            1.587 ? ? 
covale2  covale both ? A X4A 7  "O3'" ? ? ? 1_555 A DA  8  P  ? ? A X4A 7  A DA  8  1_555 ? ? ? ? ? ? ?            1.605 ? ? 
hydrog1  hydrog ?    ? A DC  1  N3    ? ? ? 1_555 B DG  13 N1 ? ? A DC  1  B DG  26 1_555 ? ? ? ? ? ? WATSON-CRICK ?     ? ? 
hydrog2  hydrog ?    ? A DC  1  N4    ? ? ? 1_555 B DG  13 O6 ? ? A DC  1  B DG  26 1_555 ? ? ? ? ? ? WATSON-CRICK ?     ? ? 
hydrog3  hydrog ?    ? A DC  1  O2    ? ? ? 1_555 B DG  13 N2 ? ? A DC  1  B DG  26 1_555 ? ? ? ? ? ? WATSON-CRICK ?     ? ? 
hydrog4  hydrog ?    ? A DC  2  N3    ? ? ? 1_555 B DG  12 N1 ? ? A DC  2  B DG  25 1_555 ? ? ? ? ? ? WATSON-CRICK ?     ? ? 
hydrog5  hydrog ?    ? A DC  2  N4    ? ? ? 1_555 B DG  12 O6 ? ? A DC  2  B DG  25 1_555 ? ? ? ? ? ? WATSON-CRICK ?     ? ? 
hydrog6  hydrog ?    ? A DC  2  O2    ? ? ? 1_555 B DG  12 N2 ? ? A DC  2  B DG  25 1_555 ? ? ? ? ? ? WATSON-CRICK ?     ? ? 
hydrog7  hydrog ?    ? A DA  3  N1    ? ? ? 1_555 B DT  11 N3 ? ? A DA  3  B DT  24 1_555 ? ? ? ? ? ? WATSON-CRICK ?     ? ? 
hydrog8  hydrog ?    ? A DA  3  N6    ? ? ? 1_555 B DT  11 O4 ? ? A DA  3  B DT  24 1_555 ? ? ? ? ? ? WATSON-CRICK ?     ? ? 
hydrog9  hydrog ?    ? A DA  4  N1    ? ? ? 1_555 B DT  10 N3 ? ? A DA  4  B DT  23 1_555 ? ? ? ? ? ? WATSON-CRICK ?     ? ? 
hydrog10 hydrog ?    ? A DA  4  N6    ? ? ? 1_555 B DT  10 O4 ? ? A DA  4  B DT  23 1_555 ? ? ? ? ? ? WATSON-CRICK ?     ? ? 
hydrog11 hydrog ?    ? A DA  5  N1    ? ? ? 1_555 B DT  9  N3 ? ? A DA  5  B DT  22 1_555 ? ? ? ? ? ? WATSON-CRICK ?     ? ? 
hydrog12 hydrog ?    ? A DA  5  N6    ? ? ? 1_555 B DT  9  O4 ? ? A DA  5  B DT  22 1_555 ? ? ? ? ? ? WATSON-CRICK ?     ? ? 
hydrog13 hydrog ?    ? A DG  6  N1    ? ? ? 1_555 B DC  8  N3 ? ? A DG  6  B DC  21 1_555 ? ? ? ? ? ? WATSON-CRICK ?     ? ? 
hydrog14 hydrog ?    ? A DG  6  N2    ? ? ? 1_555 B DC  8  O2 ? ? A DG  6  B DC  21 1_555 ? ? ? ? ? ? WATSON-CRICK ?     ? ? 
hydrog15 hydrog ?    ? A DG  6  O6    ? ? ? 1_555 B DC  8  N4 ? ? A DG  6  B DC  21 1_555 ? ? ? ? ? ? WATSON-CRICK ?     ? ? 
hydrog16 hydrog ?    ? A DA  8  N1    ? ? ? 1_555 B DT  6  N3 ? ? A DA  8  B DT  19 1_555 ? ? ? ? ? ? WATSON-CRICK ?     ? ? 
hydrog17 hydrog ?    ? A DA  8  N6    ? ? ? 1_555 B DT  6  O4 ? ? A DA  8  B DT  19 1_555 ? ? ? ? ? ? WATSON-CRICK ?     ? ? 
hydrog18 hydrog ?    ? A DC  9  N3    ? ? ? 1_555 B DG  5  N1 ? ? A DC  9  B DG  18 1_555 ? ? ? ? ? ? WATSON-CRICK ?     ? ? 
hydrog19 hydrog ?    ? A DC  9  N4    ? ? ? 1_555 B DG  5  O6 ? ? A DC  9  B DG  18 1_555 ? ? ? ? ? ? WATSON-CRICK ?     ? ? 
hydrog20 hydrog ?    ? A DC  9  O2    ? ? ? 1_555 B DG  5  N2 ? ? A DC  9  B DG  18 1_555 ? ? ? ? ? ? WATSON-CRICK ?     ? ? 
hydrog21 hydrog ?    ? A DC  10 N3    ? ? ? 1_555 B DG  4  N1 ? ? A DC  10 B DG  17 1_555 ? ? ? ? ? ? WATSON-CRICK ?     ? ? 
hydrog22 hydrog ?    ? A DC  10 N4    ? ? ? 1_555 B DG  4  O6 ? ? A DC  10 B DG  17 1_555 ? ? ? ? ? ? WATSON-CRICK ?     ? ? 
hydrog23 hydrog ?    ? A DC  10 O2    ? ? ? 1_555 B DG  4  N2 ? ? A DC  10 B DG  17 1_555 ? ? ? ? ? ? WATSON-CRICK ?     ? ? 
hydrog24 hydrog ?    ? A DG  11 N1    ? ? ? 1_555 B DC  3  N3 ? ? A DG  11 B DC  16 1_555 ? ? ? ? ? ? WATSON-CRICK ?     ? ? 
hydrog25 hydrog ?    ? A DG  11 N2    ? ? ? 1_555 B DC  3  O2 ? ? A DG  11 B DC  16 1_555 ? ? ? ? ? ? WATSON-CRICK ?     ? ? 
hydrog26 hydrog ?    ? A DG  11 O6    ? ? ? 1_555 B DC  3  N4 ? ? A DG  11 B DC  16 1_555 ? ? ? ? ? ? WATSON-CRICK ?     ? ? 
hydrog27 hydrog ?    ? A DG  12 N1    ? ? ? 1_555 B DC  2  N3 ? ? A DG  12 B DC  15 1_555 ? ? ? ? ? ? WATSON-CRICK ?     ? ? 
hydrog28 hydrog ?    ? A DG  12 N2    ? ? ? 1_555 B DC  2  O2 ? ? A DG  12 B DC  15 1_555 ? ? ? ? ? ? WATSON-CRICK ?     ? ? 
hydrog29 hydrog ?    ? A DG  12 O6    ? ? ? 1_555 B DC  2  N4 ? ? A DG  12 B DC  15 1_555 ? ? ? ? ? ? WATSON-CRICK ?     ? ? 
hydrog30 hydrog ?    ? A DG  13 N1    ? ? ? 1_555 B DC  1  N3 ? ? A DG  13 B DC  14 1_555 ? ? ? ? ? ? WATSON-CRICK ?     ? ? 
hydrog31 hydrog ?    ? A DG  13 N2    ? ? ? 1_555 B DC  1  O2 ? ? A DG  13 B DC  14 1_555 ? ? ? ? ? ? WATSON-CRICK ?     ? ? 
hydrog32 hydrog ?    ? A DG  13 O6    ? ? ? 1_555 B DC  1  N4 ? ? A DG  13 B DC  14 1_555 ? ? ? ? ? ? WATSON-CRICK ?     ? ? 
# 
loop_
_struct_conn_type.id 
_struct_conn_type.criteria 
_struct_conn_type.reference 
covale ? ? 
hydrog ? ? 
# 
loop_
_pdbx_validate_rmsd_angle.id 
_pdbx_validate_rmsd_angle.PDB_model_num 
_pdbx_validate_rmsd_angle.auth_atom_id_1 
_pdbx_validate_rmsd_angle.auth_asym_id_1 
_pdbx_validate_rmsd_angle.auth_comp_id_1 
_pdbx_validate_rmsd_angle.auth_seq_id_1 
_pdbx_validate_rmsd_angle.PDB_ins_code_1 
_pdbx_validate_rmsd_angle.label_alt_id_1 
_pdbx_validate_rmsd_angle.auth_atom_id_2 
_pdbx_validate_rmsd_angle.auth_asym_id_2 
_pdbx_validate_rmsd_angle.auth_comp_id_2 
_pdbx_validate_rmsd_angle.auth_seq_id_2 
_pdbx_validate_rmsd_angle.PDB_ins_code_2 
_pdbx_validate_rmsd_angle.label_alt_id_2 
_pdbx_validate_rmsd_angle.auth_atom_id_3 
_pdbx_validate_rmsd_angle.auth_asym_id_3 
_pdbx_validate_rmsd_angle.auth_comp_id_3 
_pdbx_validate_rmsd_angle.auth_seq_id_3 
_pdbx_validate_rmsd_angle.PDB_ins_code_3 
_pdbx_validate_rmsd_angle.label_alt_id_3 
_pdbx_validate_rmsd_angle.angle_value 
_pdbx_validate_rmsd_angle.angle_target_value 
_pdbx_validate_rmsd_angle.angle_deviation 
_pdbx_validate_rmsd_angle.angle_standard_deviation 
_pdbx_validate_rmsd_angle.linker_flag 
1  1 N3    A DC 1  ? ? C2    A DC 1  ? ? O2 A DC 1  ? ? 117.08 121.90 -4.82 0.70 N 
2  1 N3    A DC 2  ? ? C2    A DC 2  ? ? O2 A DC 2  ? ? 117.06 121.90 -4.84 0.70 N 
3  1 C4    A DA 3  ? ? C5    A DA 3  ? ? C6 A DA 3  ? ? 113.26 117.00 -3.74 0.50 N 
4  1 C5    A DA 3  ? ? C6    A DA 3  ? ? N1 A DA 3  ? ? 121.12 117.70 3.42  0.50 N 
5  1 N1    A DA 3  ? ? C6    A DA 3  ? ? N6 A DA 3  ? ? 113.82 118.60 -4.78 0.60 N 
6  1 C4    A DA 4  ? ? C5    A DA 4  ? ? C6 A DA 4  ? ? 113.41 117.00 -3.59 0.50 N 
7  1 C5    A DA 4  ? ? C6    A DA 4  ? ? N1 A DA 4  ? ? 121.01 117.70 3.31  0.50 N 
8  1 N1    A DA 4  ? ? C6    A DA 4  ? ? N6 A DA 4  ? ? 113.71 118.60 -4.89 0.60 N 
9  1 C4    A DA 5  ? ? C5    A DA 5  ? ? C6 A DA 5  ? ? 113.46 117.00 -3.54 0.50 N 
10 1 C5    A DA 5  ? ? C6    A DA 5  ? ? N1 A DA 5  ? ? 121.32 117.70 3.62  0.50 N 
11 1 N1    A DA 5  ? ? C6    A DA 5  ? ? N6 A DA 5  ? ? 113.81 118.60 -4.79 0.60 N 
12 1 C4    A DA 8  ? ? C5    A DA 8  ? ? C6 A DA 8  ? ? 113.67 117.00 -3.33 0.50 N 
13 1 C5    A DA 8  ? ? C6    A DA 8  ? ? N1 A DA 8  ? ? 121.18 117.70 3.48  0.50 N 
14 1 N1    A DA 8  ? ? C6    A DA 8  ? ? N6 A DA 8  ? ? 114.23 118.60 -4.37 0.60 N 
15 1 N3    A DC 9  ? ? C2    A DC 9  ? ? O2 A DC 9  ? ? 116.72 121.90 -5.18 0.70 N 
16 1 N3    A DC 10 ? ? C2    A DC 10 ? ? O2 A DC 10 ? ? 116.78 121.90 -5.12 0.70 N 
17 1 "O4'" A DG 11 ? ? "C1'" A DG 11 ? ? N9 A DG 11 ? ? 110.61 108.30 2.31  0.30 N 
18 1 "O4'" A DG 12 ? ? "C1'" A DG 12 ? ? N9 A DG 12 ? ? 111.05 108.30 2.75  0.30 N 
19 1 N3    B DC 14 ? ? C2    B DC 14 ? ? O2 B DC 14 ? ? 117.01 121.90 -4.89 0.70 N 
20 1 N3    B DC 15 ? ? C2    B DC 15 ? ? O2 B DC 15 ? ? 116.62 121.90 -5.28 0.70 N 
21 1 N3    B DC 16 ? ? C2    B DC 16 ? ? O2 B DC 16 ? ? 116.94 121.90 -4.96 0.70 N 
22 1 C6    B DT 19 ? ? C5    B DT 19 ? ? C7 B DT 19 ? ? 118.45 122.90 -4.45 0.60 N 
23 1 "O4'" B DA 20 ? ? "C1'" B DA 20 ? ? N9 B DA 20 ? ? 110.19 108.30 1.89  0.30 N 
24 1 C4    B DA 20 ? ? C5    B DA 20 ? ? C6 B DA 20 ? ? 113.39 117.00 -3.61 0.50 N 
25 1 C5    B DA 20 ? ? C6    B DA 20 ? ? N1 B DA 20 ? ? 121.62 117.70 3.92  0.50 N 
26 1 N1    B DA 20 ? ? C6    B DA 20 ? ? N6 B DA 20 ? ? 113.62 118.60 -4.98 0.60 N 
27 1 N3    B DC 21 ? ? C2    B DC 21 ? ? O2 B DC 21 ? ? 117.25 121.90 -4.65 0.70 N 
28 1 "O4'" B DT 22 ? ? "C1'" B DT 22 ? ? N1 B DT 22 ? ? 110.12 108.30 1.82  0.30 N 
29 1 C6    B DT 22 ? ? C5    B DT 22 ? ? C7 B DT 22 ? ? 119.27 122.90 -3.63 0.60 N 
30 1 C6    B DT 23 ? ? C5    B DT 23 ? ? C7 B DT 23 ? ? 118.66 122.90 -4.24 0.60 N 
31 1 C6    B DT 24 ? ? C5    B DT 24 ? ? C7 B DT 24 ? ? 118.69 122.90 -4.21 0.60 N 
32 1 "O4'" B DG 26 ? ? "C1'" B DG 26 ? ? N9 B DG 26 ? ? 110.95 108.30 2.65  0.30 N 
# 
_pdbx_validate_planes.id              1 
_pdbx_validate_planes.PDB_model_num   1 
_pdbx_validate_planes.auth_comp_id    DG 
_pdbx_validate_planes.auth_asym_id    A 
_pdbx_validate_planes.auth_seq_id     6 
_pdbx_validate_planes.PDB_ins_code    ? 
_pdbx_validate_planes.label_alt_id    ? 
_pdbx_validate_planes.rmsd            0.074 
_pdbx_validate_planes.type            'SIDE CHAIN' 
# 
_pdbx_nmr_ensemble.entry_id                                      2HPX 
_pdbx_nmr_ensemble.conformers_calculated_total_number            30 
_pdbx_nmr_ensemble.conformers_submitted_total_number             1 
_pdbx_nmr_ensemble.conformer_selection_criteria                  'structures with the least restraint violations' 
_pdbx_nmr_ensemble.average_constraints_per_residue               ? 
_pdbx_nmr_ensemble.average_constraint_violations_per_residue     ? 
_pdbx_nmr_ensemble.maximum_distance_constraint_violation         ? 
_pdbx_nmr_ensemble.average_distance_constraint_violation         ? 
_pdbx_nmr_ensemble.maximum_upper_distance_constraint_violation   ? 
_pdbx_nmr_ensemble.maximum_lower_distance_constraint_violation   ? 
_pdbx_nmr_ensemble.distance_constraint_violation_method          ? 
_pdbx_nmr_ensemble.maximum_torsion_angle_constraint_violation    ? 
_pdbx_nmr_ensemble.average_torsion_angle_constraint_violation    ? 
_pdbx_nmr_ensemble.torsion_angle_constraint_violation_method     ? 
# 
_pdbx_nmr_representative.entry_id             2HPX 
_pdbx_nmr_representative.conformer_id         1 
_pdbx_nmr_representative.selection_criteria   'minimized average structure' 
# 
loop_
_pdbx_nmr_sample_details.solution_id 
_pdbx_nmr_sample_details.contents 
_pdbx_nmr_sample_details.solvent_system 
_pdbx_nmr_sample_details.label 
_pdbx_nmr_sample_details.type 
_pdbx_nmr_sample_details.details 
1 
;2.0 mM duplex DNA containing a 4'-oxidized abasic site, 10 mM sodium phosphate, 0.2 mM EDTA, 100% D2O
;
'100% D2O'       sample_1 solution ? 
2 
;2.0 mM duplex DNA containing a 4'-oxidized abasic site, 0.2 mM EDTA, 90%D2O/10% H2O
;
'90%D2O/10% H2O' sample_2 solution ? 
# 
loop_
_pdbx_nmr_exptl_sample.component 
_pdbx_nmr_exptl_sample.concentration 
_pdbx_nmr_exptl_sample.concentration_range 
_pdbx_nmr_exptl_sample.concentration_units 
_pdbx_nmr_exptl_sample.isotopic_labeling 
_pdbx_nmr_exptl_sample.solution_id 
;duplex DNA containing a 4'-oxidized abasic site
;
2.0 ? mM 'natural abundance' 1 
;duplex DNA containing a 4'-oxidized abasic site
;
2.0 ? mM 'natural abundance' 2 
'sodium phosphate'                                10  ? mM 'natural abundance' 1 
'sodium phosphate'                                10  ? mM 'natural abundance' 4 
EDTA                                              0.2 ? mM 'natural abundance' 1 
EDTA                                              0.2 ? mM 'natural abundance' 2 
# 
loop_
_pdbx_nmr_exptl_sample_conditions.conditions_id 
_pdbx_nmr_exptl_sample_conditions.temperature 
_pdbx_nmr_exptl_sample_conditions.pressure 
_pdbx_nmr_exptl_sample_conditions.pH 
_pdbx_nmr_exptl_sample_conditions.ionic_strength 
_pdbx_nmr_exptl_sample_conditions.pressure_units 
_pdbx_nmr_exptl_sample_conditions.temperature_units 
_pdbx_nmr_exptl_sample_conditions.label 
_pdbx_nmr_exptl_sample_conditions.pH_units 
_pdbx_nmr_exptl_sample_conditions.ionic_strength_units 
1 298 1 6.5 '10 mM sodium phosphate' atm K sample_conditions_1 pH mM 
2 277 1 6.5 '10 mM sodium phosphate' atm K sample_conditions_2 pH mM 
# 
loop_
_pdbx_nmr_exptl.experiment_id 
_pdbx_nmr_exptl.conditions_id 
_pdbx_nmr_exptl.type 
_pdbx_nmr_exptl.solution_id 
1 1 '2D NOESY' 1 
2 1 '2D TOCSY' 1 
3 1 E-COSY     1 
4 1 PH-COSY    1 
5 1 HP-HSQC    1 
6 2 '2D NOESY' 2 
# 
_pdbx_nmr_details.entry_id   2HPX 
_pdbx_nmr_details.text       'The structure model was determined using standard 2D homonuclear and heteronuclear techniques' 
# 
_pdbx_nmr_refine.entry_id           2HPX 
_pdbx_nmr_refine.method             
;simulated annealing 
matrix relaxation
;
_pdbx_nmr_refine.details            
;the structures are based on 410 NOE-derived 
distance constraints, 43 dihedral angle restraints,8 distance restraints  
from hydrogen bonds.
;
_pdbx_nmr_refine.software_ordinal   1 
# 
loop_
_pdbx_nmr_software.classification 
_pdbx_nmr_software.name 
_pdbx_nmr_software.version 
_pdbx_nmr_software.authors 
_pdbx_nmr_software.ordinal 
refinement      Amber     8.0  'Case, D.A. et al.' 1 
'data analysis' Felix     2000 ?                   2 
'data analysis' MARDIGRAS ?    ?                   3 
# 
loop_
_chem_comp_atom.comp_id 
_chem_comp_atom.atom_id 
_chem_comp_atom.type_symbol 
_chem_comp_atom.pdbx_aromatic_flag 
_chem_comp_atom.pdbx_stereo_config 
_chem_comp_atom.pdbx_ordinal 
DA  OP3    O N N 1   
DA  P      P N N 2   
DA  OP1    O N N 3   
DA  OP2    O N N 4   
DA  "O5'"  O N N 5   
DA  "C5'"  C N N 6   
DA  "C4'"  C N R 7   
DA  "O4'"  O N N 8   
DA  "C3'"  C N S 9   
DA  "O3'"  O N N 10  
DA  "C2'"  C N N 11  
DA  "C1'"  C N R 12  
DA  N9     N Y N 13  
DA  C8     C Y N 14  
DA  N7     N Y N 15  
DA  C5     C Y N 16  
DA  C6     C Y N 17  
DA  N6     N N N 18  
DA  N1     N Y N 19  
DA  C2     C Y N 20  
DA  N3     N Y N 21  
DA  C4     C Y N 22  
DA  HOP3   H N N 23  
DA  HOP2   H N N 24  
DA  "H5'"  H N N 25  
DA  "H5''" H N N 26  
DA  "H4'"  H N N 27  
DA  "H3'"  H N N 28  
DA  "HO3'" H N N 29  
DA  "H2'"  H N N 30  
DA  "H2''" H N N 31  
DA  "H1'"  H N N 32  
DA  H8     H N N 33  
DA  H61    H N N 34  
DA  H62    H N N 35  
DA  H2     H N N 36  
DC  OP3    O N N 37  
DC  P      P N N 38  
DC  OP1    O N N 39  
DC  OP2    O N N 40  
DC  "O5'"  O N N 41  
DC  "C5'"  C N N 42  
DC  "C4'"  C N R 43  
DC  "O4'"  O N N 44  
DC  "C3'"  C N S 45  
DC  "O3'"  O N N 46  
DC  "C2'"  C N N 47  
DC  "C1'"  C N R 48  
DC  N1     N N N 49  
DC  C2     C N N 50  
DC  O2     O N N 51  
DC  N3     N N N 52  
DC  C4     C N N 53  
DC  N4     N N N 54  
DC  C5     C N N 55  
DC  C6     C N N 56  
DC  HOP3   H N N 57  
DC  HOP2   H N N 58  
DC  "H5'"  H N N 59  
DC  "H5''" H N N 60  
DC  "H4'"  H N N 61  
DC  "H3'"  H N N 62  
DC  "HO3'" H N N 63  
DC  "H2'"  H N N 64  
DC  "H2''" H N N 65  
DC  "H1'"  H N N 66  
DC  H41    H N N 67  
DC  H42    H N N 68  
DC  H5     H N N 69  
DC  H6     H N N 70  
DG  OP3    O N N 71  
DG  P      P N N 72  
DG  OP1    O N N 73  
DG  OP2    O N N 74  
DG  "O5'"  O N N 75  
DG  "C5'"  C N N 76  
DG  "C4'"  C N R 77  
DG  "O4'"  O N N 78  
DG  "C3'"  C N S 79  
DG  "O3'"  O N N 80  
DG  "C2'"  C N N 81  
DG  "C1'"  C N R 82  
DG  N9     N Y N 83  
DG  C8     C Y N 84  
DG  N7     N Y N 85  
DG  C5     C Y N 86  
DG  C6     C N N 87  
DG  O6     O N N 88  
DG  N1     N N N 89  
DG  C2     C N N 90  
DG  N2     N N N 91  
DG  N3     N N N 92  
DG  C4     C Y N 93  
DG  HOP3   H N N 94  
DG  HOP2   H N N 95  
DG  "H5'"  H N N 96  
DG  "H5''" H N N 97  
DG  "H4'"  H N N 98  
DG  "H3'"  H N N 99  
DG  "HO3'" H N N 100 
DG  "H2'"  H N N 101 
DG  "H2''" H N N 102 
DG  "H1'"  H N N 103 
DG  H8     H N N 104 
DG  H1     H N N 105 
DG  H21    H N N 106 
DG  H22    H N N 107 
DT  OP3    O N N 108 
DT  P      P N N 109 
DT  OP1    O N N 110 
DT  OP2    O N N 111 
DT  "O5'"  O N N 112 
DT  "C5'"  C N N 113 
DT  "C4'"  C N R 114 
DT  "O4'"  O N N 115 
DT  "C3'"  C N S 116 
DT  "O3'"  O N N 117 
DT  "C2'"  C N N 118 
DT  "C1'"  C N R 119 
DT  N1     N N N 120 
DT  C2     C N N 121 
DT  O2     O N N 122 
DT  N3     N N N 123 
DT  C4     C N N 124 
DT  O4     O N N 125 
DT  C5     C N N 126 
DT  C7     C N N 127 
DT  C6     C N N 128 
DT  HOP3   H N N 129 
DT  HOP2   H N N 130 
DT  "H5'"  H N N 131 
DT  "H5''" H N N 132 
DT  "H4'"  H N N 133 
DT  "H3'"  H N N 134 
DT  "HO3'" H N N 135 
DT  "H2'"  H N N 136 
DT  "H2''" H N N 137 
DT  "H1'"  H N N 138 
DT  H3     H N N 139 
DT  H71    H N N 140 
DT  H72    H N N 141 
DT  H73    H N N 142 
DT  H6     H N N 143 
X4A OP3    O N N 144 
X4A P      P N N 145 
X4A OP1    O N N 146 
X4A OP2    O N N 147 
X4A "O5'"  O N N 148 
X4A "C5'"  C N N 149 
X4A "C4'"  C N R 150 
X4A O4A    O N N 151 
X4A "O4'"  O N N 152 
X4A "C1'"  C N S 153 
X4A O1A    O N N 154 
X4A "C3'"  C N S 155 
X4A "C2'"  C N N 156 
X4A "O3'"  O N N 157 
X4A HOP3   H N N 158 
X4A HOP2   H N N 159 
X4A "H5'"  H N N 160 
X4A "H5''" H N N 161 
X4A H4A    H N N 162 
X4A "H1'"  H N N 163 
X4A H1A    H N N 164 
X4A "H3'"  H N N 165 
X4A "H2'"  H N N 166 
X4A "H2''" H N N 167 
X4A "HO3'" H N N 168 
# 
loop_
_chem_comp_bond.comp_id 
_chem_comp_bond.atom_id_1 
_chem_comp_bond.atom_id_2 
_chem_comp_bond.value_order 
_chem_comp_bond.pdbx_aromatic_flag 
_chem_comp_bond.pdbx_stereo_config 
_chem_comp_bond.pdbx_ordinal 
DA  OP3   P      sing N N 1   
DA  OP3   HOP3   sing N N 2   
DA  P     OP1    doub N N 3   
DA  P     OP2    sing N N 4   
DA  P     "O5'"  sing N N 5   
DA  OP2   HOP2   sing N N 6   
DA  "O5'" "C5'"  sing N N 7   
DA  "C5'" "C4'"  sing N N 8   
DA  "C5'" "H5'"  sing N N 9   
DA  "C5'" "H5''" sing N N 10  
DA  "C4'" "O4'"  sing N N 11  
DA  "C4'" "C3'"  sing N N 12  
DA  "C4'" "H4'"  sing N N 13  
DA  "O4'" "C1'"  sing N N 14  
DA  "C3'" "O3'"  sing N N 15  
DA  "C3'" "C2'"  sing N N 16  
DA  "C3'" "H3'"  sing N N 17  
DA  "O3'" "HO3'" sing N N 18  
DA  "C2'" "C1'"  sing N N 19  
DA  "C2'" "H2'"  sing N N 20  
DA  "C2'" "H2''" sing N N 21  
DA  "C1'" N9     sing N N 22  
DA  "C1'" "H1'"  sing N N 23  
DA  N9    C8     sing Y N 24  
DA  N9    C4     sing Y N 25  
DA  C8    N7     doub Y N 26  
DA  C8    H8     sing N N 27  
DA  N7    C5     sing Y N 28  
DA  C5    C6     sing Y N 29  
DA  C5    C4     doub Y N 30  
DA  C6    N6     sing N N 31  
DA  C6    N1     doub Y N 32  
DA  N6    H61    sing N N 33  
DA  N6    H62    sing N N 34  
DA  N1    C2     sing Y N 35  
DA  C2    N3     doub Y N 36  
DA  C2    H2     sing N N 37  
DA  N3    C4     sing Y N 38  
DC  OP3   P      sing N N 39  
DC  OP3   HOP3   sing N N 40  
DC  P     OP1    doub N N 41  
DC  P     OP2    sing N N 42  
DC  P     "O5'"  sing N N 43  
DC  OP2   HOP2   sing N N 44  
DC  "O5'" "C5'"  sing N N 45  
DC  "C5'" "C4'"  sing N N 46  
DC  "C5'" "H5'"  sing N N 47  
DC  "C5'" "H5''" sing N N 48  
DC  "C4'" "O4'"  sing N N 49  
DC  "C4'" "C3'"  sing N N 50  
DC  "C4'" "H4'"  sing N N 51  
DC  "O4'" "C1'"  sing N N 52  
DC  "C3'" "O3'"  sing N N 53  
DC  "C3'" "C2'"  sing N N 54  
DC  "C3'" "H3'"  sing N N 55  
DC  "O3'" "HO3'" sing N N 56  
DC  "C2'" "C1'"  sing N N 57  
DC  "C2'" "H2'"  sing N N 58  
DC  "C2'" "H2''" sing N N 59  
DC  "C1'" N1     sing N N 60  
DC  "C1'" "H1'"  sing N N 61  
DC  N1    C2     sing N N 62  
DC  N1    C6     sing N N 63  
DC  C2    O2     doub N N 64  
DC  C2    N3     sing N N 65  
DC  N3    C4     doub N N 66  
DC  C4    N4     sing N N 67  
DC  C4    C5     sing N N 68  
DC  N4    H41    sing N N 69  
DC  N4    H42    sing N N 70  
DC  C5    C6     doub N N 71  
DC  C5    H5     sing N N 72  
DC  C6    H6     sing N N 73  
DG  OP3   P      sing N N 74  
DG  OP3   HOP3   sing N N 75  
DG  P     OP1    doub N N 76  
DG  P     OP2    sing N N 77  
DG  P     "O5'"  sing N N 78  
DG  OP2   HOP2   sing N N 79  
DG  "O5'" "C5'"  sing N N 80  
DG  "C5'" "C4'"  sing N N 81  
DG  "C5'" "H5'"  sing N N 82  
DG  "C5'" "H5''" sing N N 83  
DG  "C4'" "O4'"  sing N N 84  
DG  "C4'" "C3'"  sing N N 85  
DG  "C4'" "H4'"  sing N N 86  
DG  "O4'" "C1'"  sing N N 87  
DG  "C3'" "O3'"  sing N N 88  
DG  "C3'" "C2'"  sing N N 89  
DG  "C3'" "H3'"  sing N N 90  
DG  "O3'" "HO3'" sing N N 91  
DG  "C2'" "C1'"  sing N N 92  
DG  "C2'" "H2'"  sing N N 93  
DG  "C2'" "H2''" sing N N 94  
DG  "C1'" N9     sing N N 95  
DG  "C1'" "H1'"  sing N N 96  
DG  N9    C8     sing Y N 97  
DG  N9    C4     sing Y N 98  
DG  C8    N7     doub Y N 99  
DG  C8    H8     sing N N 100 
DG  N7    C5     sing Y N 101 
DG  C5    C6     sing N N 102 
DG  C5    C4     doub Y N 103 
DG  C6    O6     doub N N 104 
DG  C6    N1     sing N N 105 
DG  N1    C2     sing N N 106 
DG  N1    H1     sing N N 107 
DG  C2    N2     sing N N 108 
DG  C2    N3     doub N N 109 
DG  N2    H21    sing N N 110 
DG  N2    H22    sing N N 111 
DG  N3    C4     sing N N 112 
DT  OP3   P      sing N N 113 
DT  OP3   HOP3   sing N N 114 
DT  P     OP1    doub N N 115 
DT  P     OP2    sing N N 116 
DT  P     "O5'"  sing N N 117 
DT  OP2   HOP2   sing N N 118 
DT  "O5'" "C5'"  sing N N 119 
DT  "C5'" "C4'"  sing N N 120 
DT  "C5'" "H5'"  sing N N 121 
DT  "C5'" "H5''" sing N N 122 
DT  "C4'" "O4'"  sing N N 123 
DT  "C4'" "C3'"  sing N N 124 
DT  "C4'" "H4'"  sing N N 125 
DT  "O4'" "C1'"  sing N N 126 
DT  "C3'" "O3'"  sing N N 127 
DT  "C3'" "C2'"  sing N N 128 
DT  "C3'" "H3'"  sing N N 129 
DT  "O3'" "HO3'" sing N N 130 
DT  "C2'" "C1'"  sing N N 131 
DT  "C2'" "H2'"  sing N N 132 
DT  "C2'" "H2''" sing N N 133 
DT  "C1'" N1     sing N N 134 
DT  "C1'" "H1'"  sing N N 135 
DT  N1    C2     sing N N 136 
DT  N1    C6     sing N N 137 
DT  C2    O2     doub N N 138 
DT  C2    N3     sing N N 139 
DT  N3    C4     sing N N 140 
DT  N3    H3     sing N N 141 
DT  C4    O4     doub N N 142 
DT  C4    C5     sing N N 143 
DT  C5    C7     sing N N 144 
DT  C5    C6     doub N N 145 
DT  C7    H71    sing N N 146 
DT  C7    H72    sing N N 147 
DT  C7    H73    sing N N 148 
DT  C6    H6     sing N N 149 
X4A OP3   P      sing N N 150 
X4A OP3   HOP3   sing N N 151 
X4A P     OP1    doub N N 152 
X4A P     OP2    sing N N 153 
X4A P     "O5'"  sing N N 154 
X4A OP2   HOP2   sing N N 155 
X4A "O5'" "C5'"  sing N N 156 
X4A "C5'" "C4'"  sing N N 157 
X4A "C5'" "H5'"  sing N N 158 
X4A "C5'" "H5''" sing N N 159 
X4A "C4'" O4A    sing N N 160 
X4A "C4'" "O4'"  sing N N 161 
X4A "C4'" "C3'"  sing N N 162 
X4A O4A   H4A    sing N N 163 
X4A "O4'" "C1'"  sing N N 164 
X4A "C1'" O1A    sing N N 165 
X4A "C1'" "C2'"  sing N N 166 
X4A "C1'" "H1'"  sing N N 167 
X4A O1A   H1A    sing N N 168 
X4A "C3'" "C2'"  sing N N 169 
X4A "C3'" "O3'"  sing N N 170 
X4A "C3'" "H3'"  sing N N 171 
X4A "C2'" "H2'"  sing N N 172 
X4A "C2'" "H2''" sing N N 173 
X4A "O3'" "HO3'" sing N N 174 
# 
loop_
_ndb_struct_conf_na.entry_id 
_ndb_struct_conf_na.feature 
2HPX 'double helix'        
2HPX 'b-form double helix' 
# 
loop_
_ndb_struct_na_base_pair.model_number 
_ndb_struct_na_base_pair.i_label_asym_id 
_ndb_struct_na_base_pair.i_label_comp_id 
_ndb_struct_na_base_pair.i_label_seq_id 
_ndb_struct_na_base_pair.i_symmetry 
_ndb_struct_na_base_pair.j_label_asym_id 
_ndb_struct_na_base_pair.j_label_comp_id 
_ndb_struct_na_base_pair.j_label_seq_id 
_ndb_struct_na_base_pair.j_symmetry 
_ndb_struct_na_base_pair.shear 
_ndb_struct_na_base_pair.stretch 
_ndb_struct_na_base_pair.stagger 
_ndb_struct_na_base_pair.buckle 
_ndb_struct_na_base_pair.propeller 
_ndb_struct_na_base_pair.opening 
_ndb_struct_na_base_pair.pair_number 
_ndb_struct_na_base_pair.pair_name 
_ndb_struct_na_base_pair.i_auth_asym_id 
_ndb_struct_na_base_pair.i_auth_seq_id 
_ndb_struct_na_base_pair.i_PDB_ins_code 
_ndb_struct_na_base_pair.j_auth_asym_id 
_ndb_struct_na_base_pair.j_auth_seq_id 
_ndb_struct_na_base_pair.j_PDB_ins_code 
_ndb_struct_na_base_pair.hbond_type_28 
_ndb_struct_na_base_pair.hbond_type_12 
1 A DC 1  1_555 B DG 13 1_555 0.291  -0.144 -0.007 3.674  -6.156  -0.315 1  A_DC1:DG26_B  A 1  ? B 26 ? 19 1 
1 A DC 2  1_555 B DG 12 1_555 0.467  -0.186 0.033  2.148  -4.715  0.444  2  A_DC2:DG25_B  A 2  ? B 25 ? 19 1 
1 A DA 3  1_555 B DT 11 1_555 0.252  -0.073 -0.214 -1.926 -9.547  0.301  3  A_DA3:DT24_B  A 3  ? B 24 ? 20 1 
1 A DA 4  1_555 B DT 10 1_555 0.110  -0.076 -0.142 -1.829 -10.441 2.521  4  A_DA4:DT23_B  A 4  ? B 23 ? 20 1 
1 A DA 5  1_555 B DT 9  1_555 0.056  -0.072 0.137  -0.411 -3.178  -0.877 5  A_DA5:DT22_B  A 5  ? B 22 ? 20 1 
1 A DG 6  1_555 B DC 8  1_555 -0.462 -0.129 0.327  15.721 -2.471  -0.324 6  A_DG6:DC21_B  A 6  ? B 21 ? 19 1 
1 A DA 8  1_555 B DT 6  1_555 0.082  -0.046 0.005  -4.830 -5.915  1.185  7  A_DA8:DT19_B  A 8  ? B 19 ? 20 1 
1 A DC 9  1_555 B DG 5  1_555 0.483  -0.165 0.099  -0.526 -6.832  -0.547 8  A_DC9:DG18_B  A 9  ? B 18 ? 19 1 
1 A DC 10 1_555 B DG 4  1_555 0.336  -0.132 0.148  -3.703 -1.790  -0.568 9  A_DC10:DG17_B A 10 ? B 17 ? 19 1 
1 A DG 11 1_555 B DC 3  1_555 -0.475 -0.183 -0.024 3.035  -2.253  -0.890 10 A_DG11:DC16_B A 11 ? B 16 ? 19 1 
1 A DG 12 1_555 B DC 2  1_555 -0.487 -0.141 -0.294 -3.931 -3.042  0.674  11 A_DG12:DC15_B A 12 ? B 15 ? 19 1 
1 A DG 13 1_555 B DC 1  1_555 -0.416 -0.156 -0.248 -6.573 1.120   -0.449 12 A_DG13:DC14_B A 13 ? B 14 ? 19 1 
# 
loop_
_ndb_struct_na_base_pair_step.model_number 
_ndb_struct_na_base_pair_step.i_label_asym_id_1 
_ndb_struct_na_base_pair_step.i_label_comp_id_1 
_ndb_struct_na_base_pair_step.i_label_seq_id_1 
_ndb_struct_na_base_pair_step.i_symmetry_1 
_ndb_struct_na_base_pair_step.j_label_asym_id_1 
_ndb_struct_na_base_pair_step.j_label_comp_id_1 
_ndb_struct_na_base_pair_step.j_label_seq_id_1 
_ndb_struct_na_base_pair_step.j_symmetry_1 
_ndb_struct_na_base_pair_step.i_label_asym_id_2 
_ndb_struct_na_base_pair_step.i_label_comp_id_2 
_ndb_struct_na_base_pair_step.i_label_seq_id_2 
_ndb_struct_na_base_pair_step.i_symmetry_2 
_ndb_struct_na_base_pair_step.j_label_asym_id_2 
_ndb_struct_na_base_pair_step.j_label_comp_id_2 
_ndb_struct_na_base_pair_step.j_label_seq_id_2 
_ndb_struct_na_base_pair_step.j_symmetry_2 
_ndb_struct_na_base_pair_step.shift 
_ndb_struct_na_base_pair_step.slide 
_ndb_struct_na_base_pair_step.rise 
_ndb_struct_na_base_pair_step.tilt 
_ndb_struct_na_base_pair_step.roll 
_ndb_struct_na_base_pair_step.twist 
_ndb_struct_na_base_pair_step.x_displacement 
_ndb_struct_na_base_pair_step.y_displacement 
_ndb_struct_na_base_pair_step.helical_rise 
_ndb_struct_na_base_pair_step.inclination 
_ndb_struct_na_base_pair_step.tip 
_ndb_struct_na_base_pair_step.helical_twist 
_ndb_struct_na_base_pair_step.step_number 
_ndb_struct_na_base_pair_step.step_name 
_ndb_struct_na_base_pair_step.i_auth_asym_id_1 
_ndb_struct_na_base_pair_step.i_auth_seq_id_1 
_ndb_struct_na_base_pair_step.i_PDB_ins_code_1 
_ndb_struct_na_base_pair_step.j_auth_asym_id_1 
_ndb_struct_na_base_pair_step.j_auth_seq_id_1 
_ndb_struct_na_base_pair_step.j_PDB_ins_code_1 
_ndb_struct_na_base_pair_step.i_auth_asym_id_2 
_ndb_struct_na_base_pair_step.i_auth_seq_id_2 
_ndb_struct_na_base_pair_step.i_PDB_ins_code_2 
_ndb_struct_na_base_pair_step.j_auth_asym_id_2 
_ndb_struct_na_base_pair_step.j_auth_seq_id_2 
_ndb_struct_na_base_pair_step.j_PDB_ins_code_2 
1 A DC 1  1_555 B DG 13 1_555 A DC 2  1_555 B DG 12 1_555 -0.177 -1.012 3.473 -0.177 2.645  32.982 -2.246 0.279  3.385 4.649  
0.310  33.085 1  AA_DC1DC2:DG25DG26_BB   A 1  ? B 26 ? A 2  ? B 25 ? 
1 A DC 2  1_555 B DG 12 1_555 A DA 3  1_555 B DT 11 1_555 -0.153 -0.852 3.440 2.485  7.592  32.961 -2.710 0.671  3.152 13.141 
-4.302 33.889 2  AA_DC2DA3:DT24DG25_BB   A 2  ? B 25 ? A 3  ? B 24 ? 
1 A DA 3  1_555 B DT 11 1_555 A DA 4  1_555 B DT 10 1_555 -0.167 -0.891 3.475 -1.361 0.936  31.842 -1.802 0.042  3.452 1.704  
2.478  31.883 3  AA_DA3DA4:DT23DT24_BB   A 3  ? B 24 ? A 4  ? B 23 ? 
1 A DA 4  1_555 B DT 10 1_555 A DA 5  1_555 B DT 9  1_555 -0.379 -0.850 3.438 -2.692 4.109  34.684 -2.056 0.209  3.338 6.850  
4.487  35.020 4  AA_DA4DA5:DT22DT23_BB   A 4  ? B 23 ? A 5  ? B 22 ? 
1 A DA 5  1_555 B DT 9  1_555 A DG 6  1_555 B DC 8  1_555 0.539  -0.602 3.114 -1.194 -1.475 24.545 -0.981 -1.614 3.115 -3.464 
2.803  24.617 5  AA_DA5DG6:DC21DT22_BB   A 5  ? B 22 ? A 6  ? B 21 ? 
1 A DG 6  1_555 B DC 8  1_555 A DA 8  1_555 B DT 6  1_555 -1.266 -1.460 6.883 -5.580 17.182 74.637 -2.230 0.682  6.540 13.975 
4.538  76.482 6  AA_DG6DA8:DT19DC21_BB   A 6  ? B 21 ? A 8  ? B 19 ? 
1 A DA 8  1_555 B DT 6  1_555 A DC 9  1_555 B DG 5  1_555 -0.162 -0.603 3.333 -1.946 0.480  33.215 -1.135 -0.047 3.328 0.839  
3.401  33.274 7  AA_DA8DC9:DG18DT19_BB   A 8  ? B 19 ? A 9  ? B 18 ? 
1 A DC 9  1_555 B DG 5  1_555 A DC 10 1_555 B DG 4  1_555 0.212  -1.076 3.484 0.354  2.866  32.121 -2.473 -0.315 3.380 5.166  
-0.638 32.247 8  AA_DC9DC10:DG17DG18_BB  A 9  ? B 18 ? A 10 ? B 17 ? 
1 A DC 10 1_555 B DG 4  1_555 A DG 11 1_555 B DC 3  1_555 0.038  -0.652 3.160 0.180  4.938  30.095 -2.176 -0.038 3.017 9.430  
-0.344 30.489 9  AA_DC10DG11:DC16DG17_BB A 10 ? B 17 ? A 11 ? B 16 ? 
1 A DG 11 1_555 B DC 3  1_555 A DG 12 1_555 B DC 2  1_555 0.443  -1.503 3.609 2.720  0.872  30.247 -3.062 -0.243 3.590 1.666  
-5.197 30.378 10 AA_DG11DG12:DC15DC16_BB A 11 ? B 16 ? A 12 ? B 15 ? 
1 A DG 12 1_555 B DC 2  1_555 A DG 13 1_555 B DC 1  1_555 0.073  -1.307 3.591 -0.765 0.369  33.052 -2.365 -0.269 3.574 0.648  
1.344  33.063 11 AA_DG12DG13:DC14DC15_BB A 12 ? B 15 ? A 13 ? B 14 ? 
# 
loop_
_pdbx_nmr_spectrometer.spectrometer_id 
_pdbx_nmr_spectrometer.model 
_pdbx_nmr_spectrometer.manufacturer 
_pdbx_nmr_spectrometer.field_strength 
_pdbx_nmr_spectrometer.type 
1 Custom-built Home-built 750 ? 
2 Custom-built Home-built 591 ? 
# 
_atom_sites.entry_id                    2HPX 
_atom_sites.fract_transf_matrix[1][1]   1.000000 
_atom_sites.fract_transf_matrix[1][2]   0.000000 
_atom_sites.fract_transf_matrix[1][3]   0.000000 
_atom_sites.fract_transf_matrix[2][1]   0.000000 
_atom_sites.fract_transf_matrix[2][2]   1.000000 
_atom_sites.fract_transf_matrix[2][3]   0.000000 
_atom_sites.fract_transf_matrix[3][1]   0.000000 
_atom_sites.fract_transf_matrix[3][2]   0.000000 
_atom_sites.fract_transf_matrix[3][3]   1.000000 
_atom_sites.fract_transf_vector[1]      0.00000 
_atom_sites.fract_transf_vector[2]      0.00000 
_atom_sites.fract_transf_vector[3]      0.00000 
# 
loop_
_atom_type.symbol 
C 
H 
N 
O 
P 
# 
loop_
_atom_site.group_PDB 
_atom_site.id 
_atom_site.type_symbol 
_atom_site.label_atom_id 
_atom_site.label_alt_id 
_atom_site.label_comp_id 
_atom_site.label_asym_id 
_atom_site.label_entity_id 
_atom_site.label_seq_id 
_atom_site.pdbx_PDB_ins_code 
_atom_site.Cartn_x 
_atom_site.Cartn_y 
_atom_site.Cartn_z 
_atom_site.occupancy 
_atom_site.B_iso_or_equiv 
_atom_site.pdbx_formal_charge 
_atom_site.auth_seq_id 
_atom_site.auth_comp_id 
_atom_site.auth_asym_id 
_atom_site.auth_atom_id 
_atom_site.pdbx_PDB_model_num 
ATOM   1   O "O5'"  . DC  A 1 1  ? 0.083   23.906  4.540   1.00 0.00 ? 1  DC  A "O5'"  1 
ATOM   2   C "C5'"  . DC  A 1 1  ? -0.224  22.516  4.557   1.00 0.00 ? 1  DC  A "C5'"  1 
ATOM   3   C "C4'"  . DC  A 1 1  ? -1.246  22.142  3.475   1.00 0.00 ? 1  DC  A "C4'"  1 
ATOM   4   O "O4'"  . DC  A 1 1  ? -0.608  22.109  2.202   1.00 0.00 ? 1  DC  A "O4'"  1 
ATOM   5   C "C3'"  . DC  A 1 1  ? -1.839  20.752  3.745   1.00 0.00 ? 1  DC  A "C3'"  1 
ATOM   6   O "O3'"  . DC  A 1 1  ? -3.240  20.794  3.531   1.00 0.00 ? 1  DC  A "O3'"  1 
ATOM   7   C "C2'"  . DC  A 1 1  ? -1.106  19.874  2.739   1.00 0.00 ? 1  DC  A "C2'"  1 
ATOM   8   C "C1'"  . DC  A 1 1  ? -0.849  20.852  1.597   1.00 0.00 ? 1  DC  A "C1'"  1 
ATOM   9   N N1     . DC  A 1 1  ? 0.315   20.461  0.757   1.00 0.00 ? 1  DC  A N1     1 
ATOM   10  C C2     . DC  A 1 1  ? 0.124   20.277  -0.616  1.00 0.00 ? 1  DC  A C2     1 
ATOM   11  O O2     . DC  A 1 1  ? -0.976  20.425  -1.149  1.00 0.00 ? 1  DC  A O2     1 
ATOM   12  N N3     . DC  A 1 1  ? 1.156   19.927  -1.420  1.00 0.00 ? 1  DC  A N3     1 
ATOM   13  C C4     . DC  A 1 1  ? 2.339   19.748  -0.876  1.00 0.00 ? 1  DC  A C4     1 
ATOM   14  N N4     . DC  A 1 1  ? 3.298   19.421  -1.690  1.00 0.00 ? 1  DC  A N4     1 
ATOM   15  C C5     . DC  A 1 1  ? 2.601   19.915  0.506   1.00 0.00 ? 1  DC  A C5     1 
ATOM   16  C C6     . DC  A 1 1  ? 1.564   20.281  1.298   1.00 0.00 ? 1  DC  A C6     1 
ATOM   17  H "H5'"  . DC  A 1 1  ? -0.649  22.274  5.532   1.00 0.00 ? 1  DC  A "H5'"  1 
ATOM   18  H "H5''" . DC  A 1 1  ? 0.679   21.919  4.415   1.00 0.00 ? 1  DC  A "H5''" 1 
ATOM   19  H "H4'"  . DC  A 1 1  ? -2.051  22.877  3.474   1.00 0.00 ? 1  DC  A "H4'"  1 
ATOM   20  H "H3'"  . DC  A 1 1  ? -1.623  20.426  4.763   1.00 0.00 ? 1  DC  A "H3'"  1 
ATOM   21  H "H2'"  . DC  A 1 1  ? -0.178  19.518  3.183   1.00 0.00 ? 1  DC  A "H2'"  1 
ATOM   22  H "H2''" . DC  A 1 1  ? -1.707  19.033  2.410   1.00 0.00 ? 1  DC  A "H2''" 1 
ATOM   23  H "H1'"  . DC  A 1 1  ? -1.762  20.914  0.993   1.00 0.00 ? 1  DC  A "H1'"  1 
ATOM   24  H H41    . DC  A 1 1  ? 3.066   19.332  -2.674  1.00 0.00 ? 1  DC  A H41    1 
ATOM   25  H H42    . DC  A 1 1  ? 4.224   19.255  -1.337  1.00 0.00 ? 1  DC  A H42    1 
ATOM   26  H H5     . DC  A 1 1  ? 3.585   19.775  0.923   1.00 0.00 ? 1  DC  A H5     1 
ATOM   27  H H6     . DC  A 1 1  ? 1.716   20.448  2.359   1.00 0.00 ? 1  DC  A H6     1 
ATOM   28  H "HO5'" . DC  A 1 1  ? 0.450   24.150  3.665   1.00 0.00 ? 1  DC  A "HO5'" 1 
ATOM   29  P P      . DC  A 1 2  ? -4.200  19.546  3.860   1.00 0.00 ? 2  DC  A P      1 
ATOM   30  O OP1    . DC  A 1 2  ? -5.518  20.076  4.247   1.00 0.00 ? 2  DC  A OP1    1 
ATOM   31  O OP2    . DC  A 1 2  ? -3.528  18.641  4.812   1.00 0.00 ? 2  DC  A OP2    1 
ATOM   32  O "O5'"  . DC  A 1 2  ? -4.346  18.808  2.444   1.00 0.00 ? 2  DC  A "O5'"  1 
ATOM   33  C "C5'"  . DC  A 1 2  ? -5.059  19.438  1.386   1.00 0.00 ? 2  DC  A "C5'"  1 
ATOM   34  C "C4'"  . DC  A 1 2  ? -5.241  18.541  0.162   1.00 0.00 ? 2  DC  A "C4'"  1 
ATOM   35  O "O4'"  . DC  A 1 2  ? -4.006  18.458  -0.531  1.00 0.00 ? 2  DC  A "O4'"  1 
ATOM   36  C "C3'"  . DC  A 1 2  ? -5.719  17.116  0.495   1.00 0.00 ? 2  DC  A "C3'"  1 
ATOM   37  O "O3'"  . DC  A 1 2  ? -6.778  16.765  -0.387  1.00 0.00 ? 2  DC  A "O3'"  1 
ATOM   38  C "C2'"  . DC  A 1 2  ? -4.449  16.294  0.279   1.00 0.00 ? 2  DC  A "C2'"  1 
ATOM   39  C "C1'"  . DC  A 1 2  ? -3.745  17.100  -0.809  1.00 0.00 ? 2  DC  A "C1'"  1 
ATOM   40  N N1     . DC  A 1 2  ? -2.273  16.897  -0.861  1.00 0.00 ? 2  DC  A N1     1 
ATOM   41  C C2     . DC  A 1 2  ? -1.683  16.622  -2.096  1.00 0.00 ? 2  DC  A C2     1 
ATOM   42  O O2     . DC  A 1 2  ? -2.341  16.553  -3.134  1.00 0.00 ? 2  DC  A O2     1 
ATOM   43  N N3     . DC  A 1 2  ? -0.352  16.406  -2.196  1.00 0.00 ? 2  DC  A N3     1 
ATOM   44  C C4     . DC  A 1 2  ? 0.376   16.477  -1.104  1.00 0.00 ? 2  DC  A C4     1 
ATOM   45  N N4     . DC  A 1 2  ? 1.643   16.240  -1.259  1.00 0.00 ? 2  DC  A N4     1 
ATOM   46  C C5     . DC  A 1 2  ? -0.151  16.790  0.176   1.00 0.00 ? 2  DC  A C5     1 
ATOM   47  C C6     . DC  A 1 2  ? -1.488  16.996  0.261   1.00 0.00 ? 2  DC  A C6     1 
ATOM   48  H "H5'"  . DC  A 1 2  ? -4.534  20.343  1.078   1.00 0.00 ? 2  DC  A "H5'"  1 
ATOM   49  H "H5''" . DC  A 1 2  ? -6.050  19.724  1.739   1.00 0.00 ? 2  DC  A "H5''" 1 
ATOM   50  H "H4'"  . DC  A 1 2  ? -5.976  19.013  -0.492  1.00 0.00 ? 2  DC  A "H4'"  1 
ATOM   51  H "H3'"  . DC  A 1 2  ? -6.052  17.041  1.532   1.00 0.00 ? 2  DC  A "H3'"  1 
ATOM   52  H "H2'"  . DC  A 1 2  ? -3.884  16.276  1.210   1.00 0.00 ? 2  DC  A "H2'"  1 
ATOM   53  H "H2''" . DC  A 1 2  ? -4.650  15.276  -0.047  1.00 0.00 ? 2  DC  A "H2''" 1 
ATOM   54  H "H1'"  . DC  A 1 2  ? -4.205  16.838  -1.768  1.00 0.00 ? 2  DC  A "H1'"  1 
ATOM   55  H H41    . DC  A 1 2  ? 1.954   16.037  -2.202  1.00 0.00 ? 2  DC  A H41    1 
ATOM   56  H H42    . DC  A 1 2  ? 2.271   16.292  -0.477  1.00 0.00 ? 2  DC  A H42    1 
ATOM   57  H H5     . DC  A 1 2  ? 0.473   16.859  1.054   1.00 0.00 ? 2  DC  A H5     1 
ATOM   58  H H6     . DC  A 1 2  ? -1.951  17.242  1.208   1.00 0.00 ? 2  DC  A H6     1 
ATOM   59  P P      . DA  A 1 3  ? -7.511  15.332  -0.344  1.00 0.00 ? 3  DA  A P      1 
ATOM   60  O OP1    . DA  A 1 3  ? -8.933  15.525  -0.674  1.00 0.00 ? 3  DA  A OP1    1 
ATOM   61  O OP2    . DA  A 1 3  ? -7.195  14.649  0.923   1.00 0.00 ? 3  DA  A OP2    1 
ATOM   62  O "O5'"  . DA  A 1 3  ? -6.805  14.545  -1.551  1.00 0.00 ? 3  DA  A "O5'"  1 
ATOM   63  C "C5'"  . DA  A 1 3  ? -6.976  14.997  -2.889  1.00 0.00 ? 3  DA  A "C5'"  1 
ATOM   64  C "C4'"  . DA  A 1 3  ? -6.421  14.028  -3.935  1.00 0.00 ? 3  DA  A "C4'"  1 
ATOM   65  O "O4'"  . DA  A 1 3  ? -5.004  14.118  -3.945  1.00 0.00 ? 3  DA  A "O4'"  1 
ATOM   66  C "C3'"  . DA  A 1 3  ? -6.821  12.559  -3.703  1.00 0.00 ? 3  DA  A "C3'"  1 
ATOM   67  O "O3'"  . DA  A 1 3  ? -7.177  11.987  -4.956  1.00 0.00 ? 3  DA  A "O3'"  1 
ATOM   68  C "C2'"  . DA  A 1 3  ? -5.544  11.983  -3.097  1.00 0.00 ? 3  DA  A "C2'"  1 
ATOM   69  C "C1'"  . DA  A 1 3  ? -4.474  12.817  -3.791  1.00 0.00 ? 3  DA  A "C1'"  1 
ATOM   70  N N9     . DA  A 1 3  ? -3.225  12.901  -3.015  1.00 0.00 ? 3  DA  A N9     1 
ATOM   71  C C8     . DA  A 1 3  ? -3.041  13.158  -1.675  1.00 0.00 ? 3  DA  A C8     1 
ATOM   72  N N7     . DA  A 1 3  ? -1.788  13.187  -1.297  1.00 0.00 ? 3  DA  A N7     1 
ATOM   73  C C5     . DA  A 1 3  ? -1.104  12.908  -2.494  1.00 0.00 ? 3  DA  A C5     1 
ATOM   74  C C6     . DA  A 1 3  ? 0.252   12.765  -2.864  1.00 0.00 ? 3  DA  A C6     1 
ATOM   75  N N6     . DA  A 1 3  ? 1.277   12.894  -2.047  1.00 0.00 ? 3  DA  A N6     1 
ATOM   76  N N1     . DA  A 1 3  ? 0.597   12.475  -4.120  1.00 0.00 ? 3  DA  A N1     1 
ATOM   77  C C2     . DA  A 1 3  ? -0.361  12.324  -5.023  1.00 0.00 ? 3  DA  A C2     1 
ATOM   78  N N3     . DA  A 1 3  ? -1.668  12.428  -4.834  1.00 0.00 ? 3  DA  A N3     1 
ATOM   79  C C4     . DA  A 1 3  ? -1.972  12.726  -3.537  1.00 0.00 ? 3  DA  A C4     1 
ATOM   80  H "H5'"  . DA  A 1 3  ? -6.485  15.963  -3.017  1.00 0.00 ? 3  DA  A "H5'"  1 
ATOM   81  H "H5''" . DA  A 1 3  ? -8.039  15.125  -3.093  1.00 0.00 ? 3  DA  A "H5''" 1 
ATOM   82  H "H4'"  . DA  A 1 3  ? -6.795  14.346  -4.908  1.00 0.00 ? 3  DA  A "H4'"  1 
ATOM   83  H "H3'"  . DA  A 1 3  ? -7.653  12.481  -3.001  1.00 0.00 ? 3  DA  A "H3'"  1 
ATOM   84  H "H2'"  . DA  A 1 3  ? -5.550  12.165  -2.023  1.00 0.00 ? 3  DA  A "H2'"  1 
ATOM   85  H "H2''" . DA  A 1 3  ? -5.411  10.921  -3.293  1.00 0.00 ? 3  DA  A "H2''" 1 
ATOM   86  H "H1'"  . DA  A 1 3  ? -4.275  12.387  -4.777  1.00 0.00 ? 3  DA  A "H1'"  1 
ATOM   87  H H8     . DA  A 1 3  ? -3.873  13.330  -1.002  1.00 0.00 ? 3  DA  A H8     1 
ATOM   88  H H61    . DA  A 1 3  ? 2.211   12.803  -2.430  1.00 0.00 ? 3  DA  A H61    1 
ATOM   89  H H62    . DA  A 1 3  ? 1.119   13.143  -1.083  1.00 0.00 ? 3  DA  A H62    1 
ATOM   90  H H2     . DA  A 1 3  ? -0.040  12.096  -6.032  1.00 0.00 ? 3  DA  A H2     1 
ATOM   91  P P      . DA  A 1 4  ? -7.582  10.439  -5.139  1.00 0.00 ? 4  DA  A P      1 
ATOM   92  O OP1    . DA  A 1 4  ? -8.621  10.356  -6.181  1.00 0.00 ? 4  DA  A OP1    1 
ATOM   93  O OP2    . DA  A 1 4  ? -7.885  9.833   -3.830  1.00 0.00 ? 4  DA  A OP2    1 
ATOM   94  O "O5'"  . DA  A 1 4  ? -6.226  9.800   -5.714  1.00 0.00 ? 4  DA  A "O5'"  1 
ATOM   95  C "C5'"  . DA  A 1 4  ? -5.720  10.237  -6.970  1.00 0.00 ? 4  DA  A "C5'"  1 
ATOM   96  C "C4'"  . DA  A 1 4  ? -4.501  9.446   -7.451  1.00 0.00 ? 4  DA  A "C4'"  1 
ATOM   97  O "O4'"  . DA  A 1 4  ? -3.368  9.773   -6.657  1.00 0.00 ? 4  DA  A "O4'"  1 
ATOM   98  C "C3'"  . DA  A 1 4  ? -4.702  7.921   -7.406  1.00 0.00 ? 4  DA  A "C3'"  1 
ATOM   99  O "O3'"  . DA  A 1 4  ? -4.203  7.354   -8.610  1.00 0.00 ? 4  DA  A "O3'"  1 
ATOM   100 C "C2'"  . DA  A 1 4  ? -3.887  7.534   -6.176  1.00 0.00 ? 4  DA  A "C2'"  1 
ATOM   101 C "C1'"  . DA  A 1 4  ? -2.769  8.567   -6.226  1.00 0.00 ? 4  DA  A "C1'"  1 
ATOM   102 N N9     . DA  A 1 4  ? -2.136  8.780   -4.911  1.00 0.00 ? 4  DA  A N9     1 
ATOM   103 C C8     . DA  A 1 4  ? -2.721  9.022   -3.690  1.00 0.00 ? 4  DA  A C8     1 
ATOM   104 N N7     . DA  A 1 4  ? -1.872  9.211   -2.711  1.00 0.00 ? 4  DA  A N7     1 
ATOM   105 C C5     . DA  A 1 4  ? -0.630  9.056   -3.351  1.00 0.00 ? 4  DA  A C5     1 
ATOM   106 C C6     . DA  A 1 4  ? 0.723   9.119   -2.944  1.00 0.00 ? 4  DA  A C6     1 
ATOM   107 N N6     . DA  A 1 4  ? 1.138   9.371   -1.717  1.00 0.00 ? 4  DA  A N6     1 
ATOM   108 N N1     . DA  A 1 4  ? 1.712   8.911   -3.812  1.00 0.00 ? 4  DA  A N1     1 
ATOM   109 C C2     . DA  A 1 4  ? 1.405   8.646   -5.075  1.00 0.00 ? 4  DA  A C2     1 
ATOM   110 N N3     . DA  A 1 4  ? 0.195   8.562   -5.609  1.00 0.00 ? 4  DA  A N3     1 
ATOM   111 C C4     . DA  A 1 4  ? -0.784  8.781   -4.684  1.00 0.00 ? 4  DA  A C4     1 
ATOM   112 H "H5'"  . DA  A 1 4  ? -5.450  11.293  -6.907  1.00 0.00 ? 4  DA  A "H5'"  1 
ATOM   113 H "H5''" . DA  A 1 4  ? -6.499  10.133  -7.724  1.00 0.00 ? 4  DA  A "H5''" 1 
ATOM   114 H "H4'"  . DA  A 1 4  ? -4.303  9.743   -8.482  1.00 0.00 ? 4  DA  A "H4'"  1 
ATOM   115 H "H3'"  . DA  A 1 4  ? -5.755  7.666   -7.270  1.00 0.00 ? 4  DA  A "H3'"  1 
ATOM   116 H "H2'"  . DA  A 1 4  ? -4.498  7.662   -5.284  1.00 0.00 ? 4  DA  A "H2'"  1 
ATOM   117 H "H2''" . DA  A 1 4  ? -3.494  6.519   -6.222  1.00 0.00 ? 4  DA  A "H2''" 1 
ATOM   118 H "H1'"  . DA  A 1 4  ? -2.021  8.244   -6.958  1.00 0.00 ? 4  DA  A "H1'"  1 
ATOM   119 H H8     . DA  A 1 4  ? -3.798  9.066   -3.567  1.00 0.00 ? 4  DA  A H8     1 
ATOM   120 H H61    . DA  A 1 4  ? 2.135   9.437   -1.546  1.00 0.00 ? 4  DA  A H61    1 
ATOM   121 H H62    . DA  A 1 4  ? 0.466   9.507   -0.980  1.00 0.00 ? 4  DA  A H62    1 
ATOM   122 H H2     . DA  A 1 4  ? 2.236   8.477   -5.747  1.00 0.00 ? 4  DA  A H2     1 
ATOM   123 P P      . DA  A 1 5  ? -4.245  5.774   -8.915  1.00 0.00 ? 5  DA  A P      1 
ATOM   124 O OP1    . DA  A 1 5  ? -4.477  5.597   -10.359 1.00 0.00 ? 5  DA  A OP1    1 
ATOM   125 O OP2    . DA  A 1 5  ? -5.183  5.106   -7.995  1.00 0.00 ? 5  DA  A OP2    1 
ATOM   126 O "O5'"  . DA  A 1 5  ? -2.748  5.300   -8.569  1.00 0.00 ? 5  DA  A "O5'"  1 
ATOM   127 C "C5'"  . DA  A 1 5  ? -1.656  5.717   -9.381  1.00 0.00 ? 5  DA  A "C5'"  1 
ATOM   128 C "C4'"  . DA  A 1 5  ? -0.373  4.917   -9.132  1.00 0.00 ? 5  DA  A "C4'"  1 
ATOM   129 O "O4'"  . DA  A 1 5  ? 0.232   5.322   -7.913  1.00 0.00 ? 5  DA  A "O4'"  1 
ATOM   130 C "C3'"  . DA  A 1 5  ? -0.609  3.400   -9.082  1.00 0.00 ? 5  DA  A "C3'"  1 
ATOM   131 O "O3'"  . DA  A 1 5  ? 0.392   2.753   -9.858  1.00 0.00 ? 5  DA  A "O3'"  1 
ATOM   132 C "C2'"  . DA  A 1 5  ? -0.514  3.105   -7.586  1.00 0.00 ? 5  DA  A "C2'"  1 
ATOM   133 C "C1'"  . DA  A 1 5  ? 0.467   4.177   -7.117  1.00 0.00 ? 5  DA  A "C1'"  1 
ATOM   134 N N9     . DA  A 1 5  ? 0.281   4.566   -5.704  1.00 0.00 ? 5  DA  A N9     1 
ATOM   135 C C8     . DA  A 1 5  ? -0.882  4.872   -5.033  1.00 0.00 ? 5  DA  A C8     1 
ATOM   136 N N7     . DA  A 1 5  ? -0.706  5.266   -3.797  1.00 0.00 ? 5  DA  A N7     1 
ATOM   137 C C5     . DA  A 1 5  ? 0.690   5.204   -3.653  1.00 0.00 ? 5  DA  A C5     1 
ATOM   138 C C6     . DA  A 1 5  ? 1.600   5.491   -2.611  1.00 0.00 ? 5  DA  A C6     1 
ATOM   139 N N6     . DA  A 1 5  ? 1.262   5.921   -1.413  1.00 0.00 ? 5  DA  A N6     1 
ATOM   140 N N1     . DA  A 1 5  ? 2.914   5.339   -2.778  1.00 0.00 ? 5  DA  A N1     1 
ATOM   141 C C2     . DA  A 1 5  ? 3.356   4.913   -3.954  1.00 0.00 ? 5  DA  A C2     1 
ATOM   142 N N3     . DA  A 1 5  ? 2.633   4.603   -5.024  1.00 0.00 ? 5  DA  A N3     1 
ATOM   143 C C4     . DA  A 1 5  ? 1.296   4.774   -4.804  1.00 0.00 ? 5  DA  A C4     1 
ATOM   144 H "H5'"  . DA  A 1 5  ? -1.453  6.778   -9.222  1.00 0.00 ? 5  DA  A "H5'"  1 
ATOM   145 H "H5''" . DA  A 1 5  ? -1.919  5.576   -10.430 1.00 0.00 ? 5  DA  A "H5''" 1 
ATOM   146 H "H4'"  . DA  A 1 5  ? 0.313   5.138   -9.951  1.00 0.00 ? 5  DA  A "H4'"  1 
ATOM   147 H "H3'"  . DA  A 1 5  ? -1.601  3.150   -9.464  1.00 0.00 ? 5  DA  A "H3'"  1 
ATOM   148 H "H2'"  . DA  A 1 5  ? -1.495  3.245   -7.134  1.00 0.00 ? 5  DA  A "H2'"  1 
ATOM   149 H "H2''" . DA  A 1 5  ? -0.142  2.104   -7.369  1.00 0.00 ? 5  DA  A "H2''" 1 
ATOM   150 H "H1'"  . DA  A 1 5  ? 1.490   3.818   -7.275  1.00 0.00 ? 5  DA  A "H1'"  1 
ATOM   151 H H8     . DA  A 1 5  ? -1.854  4.810   -5.506  1.00 0.00 ? 5  DA  A H8     1 
ATOM   152 H H61    . DA  A 1 5  ? 1.991   6.128   -0.741  1.00 0.00 ? 5  DA  A H61    1 
ATOM   153 H H62    . DA  A 1 5  ? 0.288   6.054   -1.194  1.00 0.00 ? 5  DA  A H62    1 
ATOM   154 H H2     . DA  A 1 5  ? 4.429   4.804   -4.049  1.00 0.00 ? 5  DA  A H2     1 
ATOM   155 P P      . DG  A 1 6  ? 0.383   1.168   -10.128 1.00 0.00 ? 6  DG  A P      1 
ATOM   156 O OP1    . DG  A 1 6  ? 1.048   0.916   -11.419 1.00 0.00 ? 6  DG  A OP1    1 
ATOM   157 O OP2    . DG  A 1 6  ? -0.983  0.639   -9.952  1.00 0.00 ? 6  DG  A OP2    1 
ATOM   158 O "O5'"  . DG  A 1 6  ? 1.300   0.600   -8.948  1.00 0.00 ? 6  DG  A "O5'"  1 
ATOM   159 C "C5'"  . DG  A 1 6  ? 2.712   0.758   -8.977  1.00 0.00 ? 6  DG  A "C5'"  1 
ATOM   160 C "C4'"  . DG  A 1 6  ? 3.357   0.186   -7.721  1.00 0.00 ? 6  DG  A "C4'"  1 
ATOM   161 O "O4'"  . DG  A 1 6  ? 3.048   0.976   -6.583  1.00 0.00 ? 6  DG  A "O4'"  1 
ATOM   162 C "C3'"  . DG  A 1 6  ? 2.922   -1.256  -7.452  1.00 0.00 ? 6  DG  A "C3'"  1 
ATOM   163 O "O3'"  . DG  A 1 6  ? 4.152   -1.962  -7.319  1.00 0.00 ? 6  DG  A "O3'"  1 
ATOM   164 C "C2'"  . DG  A 1 6  ? 2.064   -1.096  -6.191  1.00 0.00 ? 6  DG  A "C2'"  1 
ATOM   165 C "C1'"  . DG  A 1 6  ? 2.763   0.088   -5.523  1.00 0.00 ? 6  DG  A "C1'"  1 
ATOM   166 N N9     . DG  A 1 6  ? 1.992   0.796   -4.475  1.00 0.00 ? 6  DG  A N9     1 
ATOM   167 C C8     . DG  A 1 6  ? 0.633   0.934   -4.320  1.00 0.00 ? 6  DG  A C8     1 
ATOM   168 N N7     . DG  A 1 6  ? 0.274   1.500   -3.198  1.00 0.00 ? 6  DG  A N7     1 
ATOM   169 C C5     . DG  A 1 6  ? 1.495   1.767   -2.562  1.00 0.00 ? 6  DG  A C5     1 
ATOM   170 C C6     . DG  A 1 6  ? 1.798   2.331   -1.273  1.00 0.00 ? 6  DG  A C6     1 
ATOM   171 O O6     . DG  A 1 6  ? 1.026   2.731   -0.400  1.00 0.00 ? 6  DG  A O6     1 
ATOM   172 N N1     . DG  A 1 6  ? 3.149   2.401   -1.004  1.00 0.00 ? 6  DG  A N1     1 
ATOM   173 C C2     . DG  A 1 6  ? 4.111   2.051   -1.888  1.00 0.00 ? 6  DG  A C2     1 
ATOM   174 N N2     . DG  A 1 6  ? 5.348   2.082   -1.471  1.00 0.00 ? 6  DG  A N2     1 
ATOM   175 N N3     . DG  A 1 6  ? 3.882   1.555   -3.103  1.00 0.00 ? 6  DG  A N3     1 
ATOM   176 C C4     . DG  A 1 6  ? 2.548   1.404   -3.371  1.00 0.00 ? 6  DG  A C4     1 
ATOM   177 H "H5'"  . DG  A 1 6  ? 2.985   1.810   -9.055  1.00 0.00 ? 6  DG  A "H5'"  1 
ATOM   178 H "H5''" . DG  A 1 6  ? 3.115   0.221   -9.837  1.00 0.00 ? 6  DG  A "H5''" 1 
ATOM   179 H "H4'"  . DG  A 1 6  ? 4.439   0.196   -7.865  1.00 0.00 ? 6  DG  A "H4'"  1 
ATOM   180 H "H3'"  . DG  A 1 6  ? 2.316   -1.652  -8.272  1.00 0.00 ? 6  DG  A "H3'"  1 
ATOM   181 H "H2'"  . DG  A 1 6  ? 1.050   -0.821  -6.485  1.00 0.00 ? 6  DG  A "H2'"  1 
ATOM   182 H "H2''" . DG  A 1 6  ? 2.051   -1.986  -5.562  1.00 0.00 ? 6  DG  A "H2''" 1 
ATOM   183 H "H1'"  . DG  A 1 6  ? 3.695   -0.277  -5.090  1.00 0.00 ? 6  DG  A "H1'"  1 
ATOM   184 H H8     . DG  A 1 6  ? -0.075  0.594   -5.067  1.00 0.00 ? 6  DG  A H8     1 
ATOM   185 H H1     . DG  A 1 6  ? 3.420   2.718   -0.087  1.00 0.00 ? 6  DG  A H1     1 
ATOM   186 H H21    . DG  A 1 6  ? 5.561   2.371   -0.521  1.00 0.00 ? 6  DG  A H21    1 
ATOM   187 H H22    . DG  A 1 6  ? 6.064   1.720   -2.078  1.00 0.00 ? 6  DG  A H22    1 
HETATM 188 P P      . X4A A 1 7  ? 4.248   -3.541  -7.452  1.00 0.00 ? 7  X4A A P      1 
HETATM 189 O OP1    . X4A A 1 7  ? 5.597   -3.973  -7.887  1.00 0.00 ? 7  X4A A OP1    1 
HETATM 190 O OP2    . X4A A 1 7  ? 3.077   -4.019  -8.221  1.00 0.00 ? 7  X4A A OP2    1 
HETATM 191 O "O5'"  . X4A A 1 7  ? 4.080   -3.878  -5.900  1.00 0.00 ? 7  X4A A "O5'"  1 
HETATM 192 C "C5'"  . X4A A 1 7  ? 5.177   -4.036  -4.992  1.00 0.00 ? 7  X4A A "C5'"  1 
HETATM 193 C "C4'"  . X4A A 1 7  ? 6.014   -2.821  -4.525  1.00 0.00 ? 7  X4A A "C4'"  1 
HETATM 194 O O4A    . X4A A 1 7  ? 6.895   -2.365  -5.523  1.00 0.00 ? 7  X4A A O4A    1 
HETATM 195 O "O4'"  . X4A A 1 7  ? 5.190   -1.768  -4.071  1.00 0.00 ? 7  X4A A "O4'"  1 
HETATM 196 C "C1'"  . X4A A 1 7  ? 5.065   -1.945  -2.686  1.00 0.00 ? 7  X4A A "C1'"  1 
HETATM 197 O O1A    . X4A A 1 7  ? 4.635   -0.836  -1.996  1.00 0.00 ? 7  X4A A O1A    1 
HETATM 198 C "C3'"  . X4A A 1 7  ? 6.800   -3.281  -3.258  1.00 0.00 ? 7  X4A A "C3'"  1 
HETATM 199 C "C2'"  . X4A A 1 7  ? 6.455   -2.250  -2.210  1.00 0.00 ? 7  X4A A "C2'"  1 
HETATM 200 O "O3'"  . X4A A 1 7  ? 8.213   -3.400  -3.357  1.00 0.00 ? 7  X4A A "O3'"  1 
HETATM 201 H "H5'"  . X4A A 1 7  ? 5.876   -4.770  -5.388  1.00 0.00 ? 7  X4A A "H5'"  1 
HETATM 202 H "H5''" . X4A A 1 7  ? 4.723   -4.456  -4.103  1.00 0.00 ? 7  X4A A "H5''" 1 
HETATM 203 H H4A    . X4A A 1 7  ? 7.789   -2.517  -5.168  1.00 0.00 ? 7  X4A A H4A    1 
HETATM 204 H "H1'"  . X4A A 1 7  ? 4.398   -2.772  -2.471  1.00 0.00 ? 7  X4A A "H1'"  1 
HETATM 205 H H1A    . X4A A 1 7  ? 4.838   -0.081  -2.570  1.00 0.00 ? 7  X4A A H1A    1 
HETATM 206 H "H3'"  . X4A A 1 7  ? 6.371   -4.222  -2.908  1.00 0.00 ? 7  X4A A "H3'"  1 
HETATM 207 H "H2'"  . X4A A 1 7  ? 6.435   -2.655  -1.205  1.00 0.00 ? 7  X4A A "H2'"  1 
HETATM 208 H "H2''" . X4A A 1 7  ? 7.097   -1.374  -2.283  1.00 0.00 ? 7  X4A A "H2''" 1 
ATOM   209 P P      . DA  A 1 8  ? 8.925   -4.777  -2.940  1.00 0.00 ? 8  DA  A P      1 
ATOM   210 O OP1    . DA  A 1 8  ? 10.350  -4.696  -3.303  1.00 0.00 ? 8  DA  A OP1    1 
ATOM   211 O OP2    . DA  A 1 8  ? 8.140   -5.875  -3.528  1.00 0.00 ? 8  DA  A OP2    1 
ATOM   212 O "O5'"  . DA  A 1 8  ? 8.790   -4.867  -1.334  1.00 0.00 ? 8  DA  A "O5'"  1 
ATOM   213 C "C5'"  . DA  A 1 8  ? 9.600   -4.071  -0.474  1.00 0.00 ? 8  DA  A "C5'"  1 
ATOM   214 C "C4'"  . DA  A 1 8  ? 9.504   -4.434  1.021   1.00 0.00 ? 8  DA  A "C4'"  1 
ATOM   215 O "O4'"  . DA  A 1 8  ? 8.287   -3.950  1.582   1.00 0.00 ? 8  DA  A "O4'"  1 
ATOM   216 C "C3'"  . DA  A 1 8  ? 9.588   -5.936  1.334   1.00 0.00 ? 8  DA  A "C3'"  1 
ATOM   217 O "O3'"  . DA  A 1 8  ? 10.269  -6.096  2.575   1.00 0.00 ? 8  DA  A "O3'"  1 
ATOM   218 C "C2'"  . DA  A 1 8  ? 8.107   -6.310  1.381   1.00 0.00 ? 8  DA  A "C2'"  1 
ATOM   219 C "C1'"  . DA  A 1 8  ? 7.465   -5.047  1.958   1.00 0.00 ? 8  DA  A "C1'"  1 
ATOM   220 N N9     . DA  A 1 8  ? 6.097   -4.801  1.447   1.00 0.00 ? 8  DA  A N9     1 
ATOM   221 C C8     . DA  A 1 8  ? 5.633   -4.886  0.155   1.00 0.00 ? 8  DA  A C8     1 
ATOM   222 N N7     . DA  A 1 8  ? 4.378   -4.553  0.002   1.00 0.00 ? 8  DA  A N7     1 
ATOM   223 C C5     . DA  A 1 8  ? 3.990   -4.225  1.312   1.00 0.00 ? 8  DA  A C5     1 
ATOM   224 C C6     . DA  A 1 8  ? 2.795   -3.760  1.911   1.00 0.00 ? 8  DA  A C6     1 
ATOM   225 N N6     . DA  A 1 8  ? 1.678   -3.506  1.255   1.00 0.00 ? 8  DA  A N6     1 
ATOM   226 N N1     . DA  A 1 8  ? 2.723   -3.530  3.222   1.00 0.00 ? 8  DA  A N1     1 
ATOM   227 C C2     . DA  A 1 8  ? 3.806   -3.742  3.957   1.00 0.00 ? 8  DA  A C2     1 
ATOM   228 N N3     . DA  A 1 8  ? 4.997   -4.161  3.545   1.00 0.00 ? 8  DA  A N3     1 
ATOM   229 C C4     . DA  A 1 8  ? 5.023   -4.384  2.198   1.00 0.00 ? 8  DA  A C4     1 
ATOM   230 H "H5'"  . DA  A 1 8  ? 9.335   -3.020  -0.595  1.00 0.00 ? 8  DA  A "H5'"  1 
ATOM   231 H "H5''" . DA  A 1 8  ? 10.643  -4.191  -0.767  1.00 0.00 ? 8  DA  A "H5''" 1 
ATOM   232 H "H4'"  . DA  A 1 8  ? 10.336  -3.932  1.520   1.00 0.00 ? 8  DA  A "H4'"  1 
ATOM   233 H "H3'"  . DA  A 1 8  ? 10.108  -6.478  0.541   1.00 0.00 ? 8  DA  A "H3'"  1 
ATOM   234 H "H2'"  . DA  A 1 8  ? 7.762   -6.505  0.367   1.00 0.00 ? 8  DA  A "H2'"  1 
ATOM   235 H "H2''" . DA  A 1 8  ? 7.905   -7.183  1.997   1.00 0.00 ? 8  DA  A "H2''" 1 
ATOM   236 H "H1'"  . DA  A 1 8  ? 7.442   -5.131  3.050   1.00 0.00 ? 8  DA  A "H1'"  1 
ATOM   237 H H8     . DA  A 1 8  ? 6.275   -5.181  -0.667  1.00 0.00 ? 8  DA  A H8     1 
ATOM   238 H H61    . DA  A 1 8  ? 0.877   -3.145  1.761   1.00 0.00 ? 8  DA  A H61    1 
ATOM   239 H H62    . DA  A 1 8  ? 1.656   -3.658  0.259   1.00 0.00 ? 8  DA  A H62    1 
ATOM   240 H H2     . DA  A 1 8  ? 3.709   -3.545  5.017   1.00 0.00 ? 8  DA  A H2     1 
ATOM   241 P P      . DC  A 1 9  ? 10.466  -7.519  3.302   1.00 0.00 ? 9  DC  A P      1 
ATOM   242 O OP1    . DC  A 1 9  ? 11.687  -7.452  4.125   1.00 0.00 ? 9  DC  A OP1    1 
ATOM   243 O OP2    . DC  A 1 9  ? 10.381  -8.603  2.305   1.00 0.00 ? 9  DC  A OP2    1 
ATOM   244 O "O5'"  . DC  A 1 9  ? 9.192   -7.604  4.280   1.00 0.00 ? 9  DC  A "O5'"  1 
ATOM   245 C "C5'"  . DC  A 1 9  ? 9.061   -6.689  5.362   1.00 0.00 ? 9  DC  A "C5'"  1 
ATOM   246 C "C4'"  . DC  A 1 9  ? 7.831   -6.958  6.233   1.00 0.00 ? 9  DC  A "C4'"  1 
ATOM   247 O "O4'"  . DC  A 1 9  ? 6.656   -6.579  5.530   1.00 0.00 ? 9  DC  A "O4'"  1 
ATOM   248 C "C3'"  . DC  A 1 9  ? 7.682   -8.423  6.683   1.00 0.00 ? 9  DC  A "C3'"  1 
ATOM   249 O "O3'"  . DC  A 1 9  ? 7.470   -8.449  8.090   1.00 0.00 ? 9  DC  A "O3'"  1 
ATOM   250 C "C2'"  . DC  A 1 9  ? 6.472   -8.880  5.867   1.00 0.00 ? 9  DC  A "C2'"  1 
ATOM   251 C "C1'"  . DC  A 1 9  ? 5.678   -7.579  5.732   1.00 0.00 ? 9  DC  A "C1'"  1 
ATOM   252 N N1     . DC  A 1 9  ? 4.719   -7.550  4.593   1.00 0.00 ? 9  DC  A N1     1 
ATOM   253 C C2     . DC  A 1 9  ? 3.418   -7.079  4.814   1.00 0.00 ? 9  DC  A C2     1 
ATOM   254 O O2     . DC  A 1 9  ? 3.022   -6.728  5.926   1.00 0.00 ? 9  DC  A O2     1 
ATOM   255 N N3     . DC  A 1 9  ? 2.532   -6.985  3.795   1.00 0.00 ? 9  DC  A N3     1 
ATOM   256 C C4     . DC  A 1 9  ? 2.922   -7.339  2.591   1.00 0.00 ? 9  DC  A C4     1 
ATOM   257 N N4     . DC  A 1 9  ? 2.045   -7.184  1.646   1.00 0.00 ? 9  DC  A N4     1 
ATOM   258 C C5     . DC  A 1 9  ? 4.224   -7.815  2.294   1.00 0.00 ? 9  DC  A C5     1 
ATOM   259 C C6     . DC  A 1 9  ? 5.103   -7.908  3.323   1.00 0.00 ? 9  DC  A C6     1 
ATOM   260 H "H5'"  . DC  A 1 9  ? 8.996   -5.670  4.977   1.00 0.00 ? 9  DC  A "H5'"  1 
ATOM   261 H "H5''" . DC  A 1 9  ? 9.944   -6.756  5.998   1.00 0.00 ? 9  DC  A "H5''" 1 
ATOM   262 H "H4'"  . DC  A 1 9  ? 7.917   -6.333  7.124   1.00 0.00 ? 9  DC  A "H4'"  1 
ATOM   263 H "H3'"  . DC  A 1 9  ? 8.566   -9.009  6.418   1.00 0.00 ? 9  DC  A "H3'"  1 
ATOM   264 H "H2'"  . DC  A 1 9  ? 6.827   -9.236  4.902   1.00 0.00 ? 9  DC  A "H2'"  1 
ATOM   265 H "H2''" . DC  A 1 9  ? 5.893   -9.661  6.355   1.00 0.00 ? 9  DC  A "H2''" 1 
ATOM   266 H "H1'"  . DC  A 1 9  ? 5.160   -7.394  6.680   1.00 0.00 ? 9  DC  A "H1'"  1 
ATOM   267 H H41    . DC  A 1 9  ? 1.146   -6.804  1.922   1.00 0.00 ? 9  DC  A H41    1 
ATOM   268 H H42    . DC  A 1 9  ? 2.277   -7.409  0.695   1.00 0.00 ? 9  DC  A H42    1 
ATOM   269 H H5     . DC  A 1 9  ? 4.524   -8.084  1.293   1.00 0.00 ? 9  DC  A H5     1 
ATOM   270 H H6     . DC  A 1 9  ? 6.118   -8.240  3.143   1.00 0.00 ? 9  DC  A H6     1 
ATOM   271 P P      . DC  A 1 10 ? 7.247   -9.811  8.922   1.00 0.00 ? 10 DC  A P      1 
ATOM   272 O OP1    . DC  A 1 10 ? 7.779   -9.616  10.282  1.00 0.00 ? 10 DC  A OP1    1 
ATOM   273 O OP2    . DC  A 1 10 ? 7.763   -10.957 8.152   1.00 0.00 ? 10 DC  A OP2    1 
ATOM   274 O "O5'"  . DC  A 1 10 ? 5.646   -9.914  9.005   1.00 0.00 ? 10 DC  A "O5'"  1 
ATOM   275 C "C5'"  . DC  A 1 10 ? 4.907   -8.948  9.744   1.00 0.00 ? 10 DC  A "C5'"  1 
ATOM   276 C "C4'"  . DC  A 1 10 ? 3.405   -9.238  9.776   1.00 0.00 ? 10 DC  A "C4'"  1 
ATOM   277 O "O4'"  . DC  A 1 10 ? 2.837   -8.955  8.504   1.00 0.00 ? 10 DC  A "O4'"  1 
ATOM   278 C "C3'"  . DC  A 1 10 ? 3.048   -10.683 10.167  1.00 0.00 ? 10 DC  A "C3'"  1 
ATOM   279 O "O3'"  . DC  A 1 10 ? 2.208   -10.673 11.316  1.00 0.00 ? 10 DC  A "O3'"  1 
ATOM   280 C "C2'"  . DC  A 1 10 ? 2.344   -11.197 8.908   1.00 0.00 ? 10 DC  A "C2'"  1 
ATOM   281 C "C1'"  . DC  A 1 10 ? 1.833   -9.914  8.254   1.00 0.00 ? 10 DC  A "C1'"  1 
ATOM   282 N N1     . DC  A 1 10 ? 1.625   -10.032 6.785   1.00 0.00 ? 10 DC  A N1     1 
ATOM   283 C C2     . DC  A 1 10 ? 0.374   -9.710  6.247   1.00 0.00 ? 10 DC  A C2     1 
ATOM   284 O O2     . DC  A 1 10 ? -0.575  -9.365  6.951   1.00 0.00 ? 10 DC  A O2     1 
ATOM   285 N N3     . DC  A 1 10 ? 0.154   -9.768  4.912   1.00 0.00 ? 10 DC  A N3     1 
ATOM   286 C C4     . DC  A 1 10 ? 1.143   -10.156 4.134   1.00 0.00 ? 10 DC  A C4     1 
ATOM   287 N N4     . DC  A 1 10 ? 0.878   -10.187 2.862   1.00 0.00 ? 10 DC  A N4     1 
ATOM   288 C C5     . DC  A 1 10 ? 2.435   -10.499 4.613   1.00 0.00 ? 10 DC  A C5     1 
ATOM   289 C C6     . DC  A 1 10 ? 2.645   -10.423 5.951   1.00 0.00 ? 10 DC  A C6     1 
ATOM   290 H "H5'"  . DC  A 1 10 ? 5.063   -7.958  9.312   1.00 0.00 ? 10 DC  A "H5'"  1 
ATOM   291 H "H5''" . DC  A 1 10 ? 5.268   -8.929  10.773  1.00 0.00 ? 10 DC  A "H5''" 1 
ATOM   292 H "H4'"  . DC  A 1 10 ? 2.953   -8.565  10.506  1.00 0.00 ? 10 DC  A "H4'"  1 
ATOM   293 H "H3'"  . DC  A 1 10 ? 3.947   -11.272 10.361  1.00 0.00 ? 10 DC  A "H3'"  1 
ATOM   294 H "H2'"  . DC  A 1 10 ? 3.079   -11.698 8.280   1.00 0.00 ? 10 DC  A "H2'"  1 
ATOM   295 H "H2''" . DC  A 1 10 ? 1.528   -11.877 9.136   1.00 0.00 ? 10 DC  A "H2''" 1 
ATOM   296 H "H1'"  . DC  A 1 10 ? 0.906   -9.614  8.757   1.00 0.00 ? 10 DC  A "H1'"  1 
ATOM   297 H H41    . DC  A 1 10 ? -0.055  -9.911  2.581   1.00 0.00 ? 10 DC  A H41    1 
ATOM   298 H H42    . DC  A 1 10 ? 1.586   -10.448 2.201   1.00 0.00 ? 10 DC  A H42    1 
ATOM   299 H H5     . DC  A 1 10 ? 3.232   -10.807 3.954   1.00 0.00 ? 10 DC  A H5     1 
ATOM   300 H H6     . DC  A 1 10 ? 3.616   -10.659 6.374   1.00 0.00 ? 10 DC  A H6     1 
ATOM   301 P P      . DG  A 1 11 ? 1.674   -12.021 12.024  1.00 0.00 ? 11 DG  A P      1 
ATOM   302 O OP1    . DG  A 1 11 ? 1.632   -11.794 13.481  1.00 0.00 ? 11 DG  A OP1    1 
ATOM   303 O OP2    . DG  A 1 11 ? 2.449   -13.179 11.545  1.00 0.00 ? 11 DG  A OP2    1 
ATOM   304 O "O5'"  . DG  A 1 11 ? 0.170   -12.155 11.471  1.00 0.00 ? 11 DG  A "O5'"  1 
ATOM   305 C "C5'"  . DG  A 1 11 ? -0.835  -11.229 11.869  1.00 0.00 ? 11 DG  A "C5'"  1 
ATOM   306 C "C4'"  . DG  A 1 11 ? -2.215  -11.550 11.281  1.00 0.00 ? 11 DG  A "C4'"  1 
ATOM   307 O "O4'"  . DG  A 1 11 ? -2.224  -11.266 9.885   1.00 0.00 ? 11 DG  A "O4'"  1 
ATOM   308 C "C3'"  . DG  A 1 11 ? -2.656  -13.010 11.483  1.00 0.00 ? 11 DG  A "C3'"  1 
ATOM   309 O "O3'"  . DG  A 1 11 ? -4.024  -13.010 11.877  1.00 0.00 ? 11 DG  A "O3'"  1 
ATOM   310 C "C2'"  . DG  A 1 11 ? -2.390  -13.601 10.097  1.00 0.00 ? 11 DG  A "C2'"  1 
ATOM   311 C "C1'"  . DG  A 1 11 ? -2.696  -12.410 9.195   1.00 0.00 ? 11 DG  A "C1'"  1 
ATOM   312 N N9     . DG  A 1 11 ? -2.055  -12.517 7.866   1.00 0.00 ? 11 DG  A N9     1 
ATOM   313 C C8     . DG  A 1 11 ? -0.779  -12.917 7.541   1.00 0.00 ? 11 DG  A C8     1 
ATOM   314 N N7     . DG  A 1 11 ? -0.532  -12.950 6.258   1.00 0.00 ? 11 DG  A N7     1 
ATOM   315 C C5     . DG  A 1 11 ? -1.754  -12.563 5.687   1.00 0.00 ? 11 DG  A C5     1 
ATOM   316 C C6     . DG  A 1 11 ? -2.172  -12.441 4.316   1.00 0.00 ? 11 DG  A C6     1 
ATOM   317 O O6     . DG  A 1 11 ? -1.525  -12.638 3.287   1.00 0.00 ? 11 DG  A O6     1 
ATOM   318 N N1     . DG  A 1 11 ? -3.493  -12.068 4.172   1.00 0.00 ? 11 DG  A N1     1 
ATOM   319 C C2     . DG  A 1 11 ? -4.328  -11.838 5.213   1.00 0.00 ? 11 DG  A C2     1 
ATOM   320 N N2     . DG  A 1 11 ? -5.568  -11.552 4.936   1.00 0.00 ? 11 DG  A N2     1 
ATOM   321 N N3     . DG  A 1 11 ? -3.988  -11.923 6.492   1.00 0.00 ? 11 DG  A N3     1 
ATOM   322 C C4     . DG  A 1 11 ? -2.684  -12.295 6.666   1.00 0.00 ? 11 DG  A C4     1 
ATOM   323 H "H5'"  . DG  A 1 11 ? -0.551  -10.221 11.562  1.00 0.00 ? 11 DG  A "H5'"  1 
ATOM   324 H "H5''" . DG  A 1 11 ? -0.923  -11.242 12.957  1.00 0.00 ? 11 DG  A "H5''" 1 
ATOM   325 H "H4'"  . DG  A 1 11 ? -2.938  -10.897 11.773  1.00 0.00 ? 11 DG  A "H4'"  1 
ATOM   326 H "H3'"  . DG  A 1 11 ? -2.044  -13.510 12.239  1.00 0.00 ? 11 DG  A "H3'"  1 
ATOM   327 H "H2'"  . DG  A 1 11 ? -1.339  -13.881 10.033  1.00 0.00 ? 11 DG  A "H2'"  1 
ATOM   328 H "H2''" . DG  A 1 11 ? -3.015  -14.459 9.858   1.00 0.00 ? 11 DG  A "H2''" 1 
ATOM   329 H "H1'"  . DG  A 1 11 ? -3.781  -12.339 9.070   1.00 0.00 ? 11 DG  A "H1'"  1 
ATOM   330 H H8     . DG  A 1 11 ? -0.050  -13.176 8.297   1.00 0.00 ? 11 DG  A H8     1 
ATOM   331 H H1     . DG  A 1 11 ? -3.848  -11.991 3.231   1.00 0.00 ? 11 DG  A H1     1 
ATOM   332 H H21    . DG  A 1 11 ? -5.888  -11.510 3.973   1.00 0.00 ? 11 DG  A H21    1 
ATOM   333 H H22    . DG  A 1 11 ? -6.196  -11.437 5.712   1.00 0.00 ? 11 DG  A H22    1 
ATOM   334 P P      . DG  A 1 12 ? -4.902  -14.348 12.040  1.00 0.00 ? 12 DG  A P      1 
ATOM   335 O OP1    . DG  A 1 12 ? -5.947  -14.103 13.050  1.00 0.00 ? 12 DG  A OP1    1 
ATOM   336 O OP2    . DG  A 1 12 ? -4.014  -15.506 12.251  1.00 0.00 ? 12 DG  A OP2    1 
ATOM   337 O "O5'"  . DG  A 1 12 ? -5.593  -14.469 10.595  1.00 0.00 ? 12 DG  A "O5'"  1 
ATOM   338 C "C5'"  . DG  A 1 12 ? -6.493  -13.462 10.146  1.00 0.00 ? 12 DG  A "C5'"  1 
ATOM   339 C "C4'"  . DG  A 1 12 ? -7.185  -13.818 8.828   1.00 0.00 ? 12 DG  A "C4'"  1 
ATOM   340 O "O4'"  . DG  A 1 12 ? -6.275  -13.724 7.741   1.00 0.00 ? 12 DG  A "O4'"  1 
ATOM   341 C "C3'"  . DG  A 1 12 ? -7.795  -15.229 8.827   1.00 0.00 ? 12 DG  A "C3'"  1 
ATOM   342 O "O3'"  . DG  A 1 12 ? -9.153  -15.132 8.415   1.00 0.00 ? 12 DG  A "O3'"  1 
ATOM   343 C "C2'"  . DG  A 1 12 ? -6.899  -15.962 7.829   1.00 0.00 ? 12 DG  A "C2'"  1 
ATOM   344 C "C1'"  . DG  A 1 12 ? -6.513  -14.828 6.889   1.00 0.00 ? 12 DG  A "C1'"  1 
ATOM   345 N N9     . DG  A 1 12 ? -5.315  -15.144 6.085   1.00 0.00 ? 12 DG  A N9     1 
ATOM   346 C C8     . DG  A 1 12 ? -4.062  -15.527 6.500   1.00 0.00 ? 12 DG  A C8     1 
ATOM   347 N N7     . DG  A 1 12 ? -3.219  -15.754 5.525   1.00 0.00 ? 12 DG  A N7     1 
ATOM   348 C C5     . DG  A 1 12 ? -3.983  -15.516 4.371   1.00 0.00 ? 12 DG  A C5     1 
ATOM   349 C C6     . DG  A 1 12 ? -3.661  -15.594 2.968   1.00 0.00 ? 12 DG  A C6     1 
ATOM   350 O O6     . DG  A 1 12 ? -2.598  -15.907 2.427   1.00 0.00 ? 12 DG  A O6     1 
ATOM   351 N N1     . DG  A 1 12 ? -4.717  -15.270 2.141   1.00 0.00 ? 12 DG  A N1     1 
ATOM   352 C C2     . DG  A 1 12 ? -5.949  -14.933 2.592   1.00 0.00 ? 12 DG  A C2     1 
ATOM   353 N N2     . DG  A 1 12 ? -6.885  -14.737 1.708   1.00 0.00 ? 12 DG  A N2     1 
ATOM   354 N N3     . DG  A 1 12 ? -6.296  -14.849 3.870   1.00 0.00 ? 12 DG  A N3     1 
ATOM   355 C C4     . DG  A 1 12 ? -5.265  -15.147 4.714   1.00 0.00 ? 12 DG  A C4     1 
ATOM   356 H "H5'"  . DG  A 1 12 ? -5.966  -12.516 10.021  1.00 0.00 ? 12 DG  A "H5'"  1 
ATOM   357 H "H5''" . DG  A 1 12 ? -7.273  -13.321 10.896  1.00 0.00 ? 12 DG  A "H5''" 1 
ATOM   358 H "H4'"  . DG  A 1 12 ? -7.986  -13.092 8.670   1.00 0.00 ? 12 DG  A "H4'"  1 
ATOM   359 H "H3'"  . DG  A 1 12 ? -7.728  -15.690 9.815   1.00 0.00 ? 12 DG  A "H3'"  1 
ATOM   360 H "H2'"  . DG  A 1 12 ? -6.019  -16.346 8.345   1.00 0.00 ? 12 DG  A "H2'"  1 
ATOM   361 H "H2''" . DG  A 1 12 ? -7.408  -16.768 7.301   1.00 0.00 ? 12 DG  A "H2''" 1 
ATOM   362 H "H1'"  . DG  A 1 12 ? -7.357  -14.613 6.227   1.00 0.00 ? 12 DG  A "H1'"  1 
ATOM   363 H H8     . DG  A 1 12 ? -3.810  -15.617 7.550   1.00 0.00 ? 12 DG  A H8     1 
ATOM   364 H H1     . DG  A 1 12 ? -4.548  -15.301 1.147   1.00 0.00 ? 12 DG  A H1     1 
ATOM   365 H H21    . DG  A 1 12 ? -6.697  -14.855 0.717   1.00 0.00 ? 12 DG  A H21    1 
ATOM   366 H H22    . DG  A 1 12 ? -7.810  -14.568 2.061   1.00 0.00 ? 12 DG  A H22    1 
ATOM   367 P P      . DG  A 1 13 ? -10.117 -16.412 8.290   1.00 0.00 ? 13 DG  A P      1 
ATOM   368 O OP1    . DG  A 1 13 ? -11.489 -16.001 8.639   1.00 0.00 ? 13 DG  A OP1    1 
ATOM   369 O OP2    . DG  A 1 13 ? -9.540  -17.545 9.037   1.00 0.00 ? 13 DG  A OP2    1 
ATOM   370 O "O5'"  . DG  A 1 13 ? -10.064 -16.735 6.719   1.00 0.00 ? 13 DG  A "O5'"  1 
ATOM   371 C "C5'"  . DG  A 1 13 ? -10.640 -15.829 5.784   1.00 0.00 ? 13 DG  A "C5'"  1 
ATOM   372 C "C4'"  . DG  A 1 13 ? -10.711 -16.401 4.368   1.00 0.00 ? 13 DG  A "C4'"  1 
ATOM   373 O "O4'"  . DG  A 1 13 ? -9.416  -16.413 3.783   1.00 0.00 ? 13 DG  A "O4'"  1 
ATOM   374 C "C3'"  . DG  A 1 13 ? -11.282 -17.829 4.337   1.00 0.00 ? 13 DG  A "C3'"  1 
ATOM   375 O "O3'"  . DG  A 1 13 ? -12.251 -17.968 3.303   1.00 0.00 ? 13 DG  A "O3'"  1 
ATOM   376 C "C2'"  . DG  A 1 13 ? -10.051 -18.664 4.018   1.00 0.00 ? 13 DG  A "C2'"  1 
ATOM   377 C "C1'"  . DG  A 1 13 ? -9.229  -17.681 3.190   1.00 0.00 ? 13 DG  A "C1'"  1 
ATOM   378 N N9     . DG  A 1 13 ? -7.797  -18.025 3.175   1.00 0.00 ? 13 DG  A N9     1 
ATOM   379 C C8     . DG  A 1 13 ? -6.942  -18.235 4.230   1.00 0.00 ? 13 DG  A C8     1 
ATOM   380 N N7     . DG  A 1 13 ? -5.731  -18.582 3.877   1.00 0.00 ? 13 DG  A N7     1 
ATOM   381 C C5     . DG  A 1 13 ? -5.797  -18.599 2.475   1.00 0.00 ? 13 DG  A C5     1 
ATOM   382 C C6     . DG  A 1 13 ? -4.812  -18.915 1.475   1.00 0.00 ? 13 DG  A C6     1 
ATOM   383 O O6     . DG  A 1 13 ? -3.644  -19.277 1.622   1.00 0.00 ? 13 DG  A O6     1 
ATOM   384 N N1     . DG  A 1 13 ? -5.282  -18.794 0.183   1.00 0.00 ? 13 DG  A N1     1 
ATOM   385 C C2     . DG  A 1 13 ? -6.551  -18.438 -0.131  1.00 0.00 ? 13 DG  A C2     1 
ATOM   386 N N2     . DG  A 1 13 ? -6.872  -18.397 -1.395  1.00 0.00 ? 13 DG  A N2     1 
ATOM   387 N N3     . DG  A 1 13 ? -7.504  -18.165 0.752   1.00 0.00 ? 13 DG  A N3     1 
ATOM   388 C C4     . DG  A 1 13 ? -7.058  -18.253 2.043   1.00 0.00 ? 13 DG  A C4     1 
ATOM   389 H "H5'"  . DG  A 1 13 ? -10.069 -14.899 5.765   1.00 0.00 ? 13 DG  A "H5'"  1 
ATOM   390 H "H5''" . DG  A 1 13 ? -11.661 -15.599 6.090   1.00 0.00 ? 13 DG  A "H5''" 1 
ATOM   391 H "H4'"  . DG  A 1 13 ? -11.356 -15.752 3.776   1.00 0.00 ? 13 DG  A "H4'"  1 
ATOM   392 H "H3'"  . DG  A 1 13 ? -11.698 -18.113 5.308   1.00 0.00 ? 13 DG  A "H3'"  1 
ATOM   393 H "HO3'" . DG  A 1 13 ? -12.789 -18.769 3.479   1.00 0.00 ? 13 DG  A "HO3'" 1 
ATOM   394 H "H2'"  . DG  A 1 13 ? -9.534  -18.918 4.943   1.00 0.00 ? 13 DG  A "H2'"  1 
ATOM   395 H "H2''" . DG  A 1 13 ? -10.291 -19.563 3.453   1.00 0.00 ? 13 DG  A "H2''" 1 
ATOM   396 H "H1'"  . DG  A 1 13 ? -9.618  -17.669 2.168   1.00 0.00 ? 13 DG  A "H1'"  1 
ATOM   397 H H8     . DG  A 1 13 ? -7.262  -18.111 5.258   1.00 0.00 ? 13 DG  A H8     1 
ATOM   398 H H1     . DG  A 1 13 ? -4.631  -18.990 -0.560  1.00 0.00 ? 13 DG  A H1     1 
ATOM   399 H H21    . DG  A 1 13 ? -6.177  -18.596 -2.110  1.00 0.00 ? 13 DG  A H21    1 
ATOM   400 H H22    . DG  A 1 13 ? -7.807  -18.113 -1.631  1.00 0.00 ? 13 DG  A H22    1 
ATOM   401 O "O5'"  . DC  B 2 1  ? -0.300  -20.128 -7.620  1.00 0.00 ? 14 DC  B "O5'"  1 
ATOM   402 C "C5'"  . DC  B 2 1  ? -1.522  -20.652 -8.140  1.00 0.00 ? 14 DC  B "C5'"  1 
ATOM   403 C "C4'"  . DC  B 2 1  ? -2.775  -19.954 -7.587  1.00 0.00 ? 14 DC  B "C4'"  1 
ATOM   404 O "O4'"  . DC  B 2 1  ? -2.973  -20.320 -6.226  1.00 0.00 ? 14 DC  B "O4'"  1 
ATOM   405 C "C3'"  . DC  B 2 1  ? -2.713  -18.419 -7.675  1.00 0.00 ? 14 DC  B "C3'"  1 
ATOM   406 O "O3'"  . DC  B 2 1  ? -3.932  -17.919 -8.216  1.00 0.00 ? 14 DC  B "O3'"  1 
ATOM   407 C "C2'"  . DC  B 2 1  ? -2.493  -18.022 -6.217  1.00 0.00 ? 14 DC  B "C2'"  1 
ATOM   408 C "C1'"  . DC  B 2 1  ? -3.216  -19.144 -5.478  1.00 0.00 ? 14 DC  B "C1'"  1 
ATOM   409 N N1     . DC  B 2 1  ? -2.717  -19.326 -4.090  1.00 0.00 ? 14 DC  B N1     1 
ATOM   410 C C2     . DC  B 2 1  ? -3.616  -19.205 -3.026  1.00 0.00 ? 14 DC  B C2     1 
ATOM   411 O O2     . DC  B 2 1  ? -4.800  -18.917 -3.198  1.00 0.00 ? 14 DC  B O2     1 
ATOM   412 N N3     . DC  B 2 1  ? -3.213  -19.411 -1.751  1.00 0.00 ? 14 DC  B N3     1 
ATOM   413 C C4     . DC  B 2 1  ? -1.956  -19.727 -1.537  1.00 0.00 ? 14 DC  B C4     1 
ATOM   414 N N4     . DC  B 2 1  ? -1.633  -19.944 -0.296  1.00 0.00 ? 14 DC  B N4     1 
ATOM   415 C C5     . DC  B 2 1  ? -0.989  -19.857 -2.569  1.00 0.00 ? 14 DC  B C5     1 
ATOM   416 C C6     . DC  B 2 1  ? -1.405  -19.650 -3.843  1.00 0.00 ? 14 DC  B C6     1 
ATOM   417 H "H5'"  . DC  B 2 1  ? -1.595  -21.718 -7.915  1.00 0.00 ? 14 DC  B "H5'"  1 
ATOM   418 H "H5''" . DC  B 2 1  ? -1.528  -20.535 -9.226  1.00 0.00 ? 14 DC  B "H5''" 1 
ATOM   419 H "H4'"  . DC  B 2 1  ? -3.633  -20.304 -8.163  1.00 0.00 ? 14 DC  B "H4'"  1 
ATOM   420 H "H3'"  . DC  B 2 1  ? -1.868  -18.098 -8.287  1.00 0.00 ? 14 DC  B "H3'"  1 
ATOM   421 H "H2'"  . DC  B 2 1  ? -1.425  -18.031 -6.005  1.00 0.00 ? 14 DC  B "H2'"  1 
ATOM   422 H "H2''" . DC  B 2 1  ? -2.910  -17.050 -5.971  1.00 0.00 ? 14 DC  B "H2''" 1 
ATOM   423 H "H1'"  . DC  B 2 1  ? -4.290  -18.925 -5.483  1.00 0.00 ? 14 DC  B "H1'"  1 
ATOM   424 H H41    . DC  B 2 1  ? -2.359  -19.799 0.398   1.00 0.00 ? 14 DC  B H41    1 
ATOM   425 H H42    . DC  B 2 1  ? -0.692  -20.200 -0.054  1.00 0.00 ? 14 DC  B H42    1 
ATOM   426 H H5     . DC  B 2 1  ? 0.037   -20.122 -2.368  1.00 0.00 ? 14 DC  B H5     1 
ATOM   427 H H6     . DC  B 2 1  ? -0.720  -19.757 -4.679  1.00 0.00 ? 14 DC  B H6     1 
ATOM   428 H "HO5'" . DC  B 2 1  ? 0.459   -20.573 -8.058  1.00 0.00 ? 14 DC  B "HO5'" 1 
ATOM   429 P P      . DC  B 2 2  ? -4.177  -16.348 -8.474  1.00 0.00 ? 15 DC  B P      1 
ATOM   430 O OP1    . DC  B 2 2  ? -5.068  -16.194 -9.638  1.00 0.00 ? 15 DC  B OP1    1 
ATOM   431 O OP2    . DC  B 2 2  ? -2.878  -15.654 -8.523  1.00 0.00 ? 15 DC  B OP2    1 
ATOM   432 O "O5'"  . DC  B 2 2  ? -4.961  -15.874 -7.156  1.00 0.00 ? 15 DC  B "O5'"  1 
ATOM   433 C "C5'"  . DC  B 2 2  ? -6.281  -16.333 -6.892  1.00 0.00 ? 15 DC  B "C5'"  1 
ATOM   434 C "C4'"  . DC  B 2 2  ? -6.929  -15.601 -5.716  1.00 0.00 ? 15 DC  B "C4'"  1 
ATOM   435 O "O4'"  . DC  B 2 2  ? -6.339  -16.037 -4.496  1.00 0.00 ? 15 DC  B "O4'"  1 
ATOM   436 C "C3'"  . DC  B 2 2  ? -6.798  -14.072 -5.815  1.00 0.00 ? 15 DC  B "C3'"  1 
ATOM   437 O "O3'"  . DC  B 2 2  ? -8.075  -13.491 -5.585  1.00 0.00 ? 15 DC  B "O3'"  1 
ATOM   438 C "C2'"  . DC  B 2 2  ? -5.757  -13.772 -4.735  1.00 0.00 ? 15 DC  B "C2'"  1 
ATOM   439 C "C1'"  . DC  B 2 2  ? -5.997  -14.901 -3.729  1.00 0.00 ? 15 DC  B "C1'"  1 
ATOM   440 N N1     . DC  B 2 2  ? -4.822  -15.227 -2.872  1.00 0.00 ? 15 DC  B N1     1 
ATOM   441 C C2     . DC  B 2 2  ? -5.001  -15.307 -1.486  1.00 0.00 ? 15 DC  B C2     1 
ATOM   442 O O2     . DC  B 2 2  ? -6.087  -15.090 -0.950  1.00 0.00 ? 15 DC  B O2     1 
ATOM   443 N N3     . DC  B 2 2  ? -3.971  -15.612 -0.666  1.00 0.00 ? 15 DC  B N3     1 
ATOM   444 C C4     . DC  B 2 2  ? -2.793  -15.838 -1.201  1.00 0.00 ? 15 DC  B C4     1 
ATOM   445 N N4     . DC  B 2 2  ? -1.843  -16.095 -0.353  1.00 0.00 ? 15 DC  B N4     1 
ATOM   446 C C5     . DC  B 2 2  ? -2.537  -15.784 -2.598  1.00 0.00 ? 15 DC  B C5     1 
ATOM   447 C C6     . DC  B 2 2  ? -3.581  -15.477 -3.410  1.00 0.00 ? 15 DC  B C6     1 
ATOM   448 H "H5'"  . DC  B 2 2  ? -6.272  -17.404 -6.683  1.00 0.00 ? 15 DC  B "H5'"  1 
ATOM   449 H "H5''" . DC  B 2 2  ? -6.904  -16.159 -7.771  1.00 0.00 ? 15 DC  B "H5''" 1 
ATOM   450 H "H4'"  . DC  B 2 2  ? -7.989  -15.862 -5.702  1.00 0.00 ? 15 DC  B "H4'"  1 
ATOM   451 H "H3'"  . DC  B 2 2  ? -6.427  -13.771 -6.797  1.00 0.00 ? 15 DC  B "H3'"  1 
ATOM   452 H "H2'"  . DC  B 2 2  ? -4.768  -13.835 -5.186  1.00 0.00 ? 15 DC  B "H2'"  1 
ATOM   453 H "H2''" . DC  B 2 2  ? -5.889  -12.794 -4.278  1.00 0.00 ? 15 DC  B "H2''" 1 
ATOM   454 H "H1'"  . DC  B 2 2  ? -6.855  -14.616 -3.109  1.00 0.00 ? 15 DC  B "H1'"  1 
ATOM   455 H H41    . DC  B 2 2  ? -2.104  -16.072 0.627   1.00 0.00 ? 15 DC  B H41    1 
ATOM   456 H H42    . DC  B 2 2  ? -0.904  -16.267 -0.665  1.00 0.00 ? 15 DC  B H42    1 
ATOM   457 H H5     . DC  B 2 2  ? -1.558  -15.973 -3.013  1.00 0.00 ? 15 DC  B H5     1 
ATOM   458 H H6     . DC  B 2 2  ? -3.449  -15.435 -4.485  1.00 0.00 ? 15 DC  B H6     1 
ATOM   459 P P      . DC  B 2 3  ? -8.334  -11.905 -5.637  1.00 0.00 ? 16 DC  B P      1 
ATOM   460 O OP1    . DC  B 2 3  ? -9.678  -11.670 -6.197  1.00 0.00 ? 16 DC  B OP1    1 
ATOM   461 O OP2    . DC  B 2 3  ? -7.200  -11.219 -6.281  1.00 0.00 ? 16 DC  B OP2    1 
ATOM   462 O "O5'"  . DC  B 2 3  ? -8.334  -11.533 -4.081  1.00 0.00 ? 16 DC  B "O5'"  1 
ATOM   463 C "C5'"  . DC  B 2 3  ? -9.343  -12.043 -3.221  1.00 0.00 ? 16 DC  B "C5'"  1 
ATOM   464 C "C4'"  . DC  B 2 3  ? -9.168  -11.559 -1.786  1.00 0.00 ? 16 DC  B "C4'"  1 
ATOM   465 O "O4'"  . DC  B 2 3  ? -8.045  -12.192 -1.193  1.00 0.00 ? 16 DC  B "O4'"  1 
ATOM   466 C "C3'"  . DC  B 2 3  ? -8.993  -10.037 -1.673  1.00 0.00 ? 16 DC  B "C3'"  1 
ATOM   467 O "O3'"  . DC  B 2 3  ? -10.133 -9.481  -1.034  1.00 0.00 ? 16 DC  B "O3'"  1 
ATOM   468 C "C2'"  . DC  B 2 3  ? -7.705  -9.899  -0.863  1.00 0.00 ? 16 DC  B "C2'"  1 
ATOM   469 C "C1'"  . DC  B 2 3  ? -7.474  -11.288 -0.273  1.00 0.00 ? 16 DC  B "C1'"  1 
ATOM   470 N N1     . DC  B 2 3  ? -6.027  -11.589 -0.109  1.00 0.00 ? 16 DC  B N1     1 
ATOM   471 C C2     . DC  B 2 3  ? -5.487  -11.670 1.178   1.00 0.00 ? 16 DC  B C2     1 
ATOM   472 O O2     . DC  B 2 3  ? -6.160  -11.464 2.188   1.00 0.00 ? 16 DC  B O2     1 
ATOM   473 N N3     . DC  B 2 3  ? -4.183  -11.979 1.362   1.00 0.00 ? 16 DC  B N3     1 
ATOM   474 C C4     . DC  B 2 3  ? -3.430  -12.174 0.301   1.00 0.00 ? 16 DC  B C4     1 
ATOM   475 N N4     . DC  B 2 3  ? -2.187  -12.460 0.543   1.00 0.00 ? 16 DC  B N4     1 
ATOM   476 C C5     . DC  B 2 3  ? -3.905  -12.079 -1.034  1.00 0.00 ? 16 DC  B C5     1 
ATOM   477 C C6     . DC  B 2 3  ? -5.217  -11.777 -1.204  1.00 0.00 ? 16 DC  B C6     1 
ATOM   478 H "H5'"  . DC  B 2 3  ? -9.323  -13.134 -3.226  1.00 0.00 ? 16 DC  B "H5'"  1 
ATOM   479 H "H5''" . DC  B 2 3  ? -10.319 -11.711 -3.573  1.00 0.00 ? 16 DC  B "H5''" 1 
ATOM   480 H "H4'"  . DC  B 2 3  ? -10.058 -11.844 -1.222  1.00 0.00 ? 16 DC  B "H4'"  1 
ATOM   481 H "H3'"  . DC  B 2 3  ? -8.852  -9.588  -2.659  1.00 0.00 ? 16 DC  B "H3'"  1 
ATOM   482 H "H2'"  . DC  B 2 3  ? -6.893  -9.616  -1.534  1.00 0.00 ? 16 DC  B "H2'"  1 
ATOM   483 H "H2''" . DC  B 2 3  ? -7.803  -9.169  -0.066  1.00 0.00 ? 16 DC  B "H2''" 1 
ATOM   484 H "H1'"  . DC  B 2 3  ? -8.000  -11.359 0.684   1.00 0.00 ? 16 DC  B "H1'"  1 
ATOM   485 H H41    . DC  B 2 3  ? -1.916  -12.493 1.521   1.00 0.00 ? 16 DC  B H41    1 
ATOM   486 H H42    . DC  B 2 3  ? -1.539  -12.613 -0.206  1.00 0.00 ? 16 DC  B H42    1 
ATOM   487 H H5     . DC  B 2 3  ? -3.264  -12.235 -1.887  1.00 0.00 ? 16 DC  B H5     1 
ATOM   488 H H6     . DC  B 2 3  ? -5.649  -11.685 -2.195  1.00 0.00 ? 16 DC  B H6     1 
ATOM   489 P P      . DG  B 2 4  ? -10.339 -7.895  -0.861  1.00 0.00 ? 17 DG  B P      1 
ATOM   490 O OP1    . DG  B 2 4  ? -11.788 -7.627  -0.802  1.00 0.00 ? 17 DG  B OP1    1 
ATOM   491 O OP2    . DG  B 2 4  ? -9.559  -7.176  -1.883  1.00 0.00 ? 17 DG  B OP2    1 
ATOM   492 O "O5'"  . DG  B 2 4  ? -9.695  -7.585  0.575   1.00 0.00 ? 17 DG  B "O5'"  1 
ATOM   493 C "C5'"  . DG  B 2 4  ? -10.255 -8.131  1.761   1.00 0.00 ? 17 DG  B "C5'"  1 
ATOM   494 C "C4'"  . DG  B 2 4  ? -9.515  -7.661  3.015   1.00 0.00 ? 17 DG  B "C4'"  1 
ATOM   495 O "O4'"  . DG  B 2 4  ? -8.247  -8.299  3.093   1.00 0.00 ? 17 DG  B "O4'"  1 
ATOM   496 C "C3'"  . DG  B 2 4  ? -9.302  -6.140  3.057   1.00 0.00 ? 17 DG  B "C3'"  1 
ATOM   497 O "O3'"  . DG  B 2 4  ? -9.624  -5.689  4.366   1.00 0.00 ? 17 DG  B "O3'"  1 
ATOM   498 C "C2'"  . DG  B 2 4  ? -7.824  -6.017  2.692   1.00 0.00 ? 17 DG  B "C2'"  1 
ATOM   499 C "C1'"  . DG  B 2 4  ? -7.254  -7.306  3.273   1.00 0.00 ? 17 DG  B "C1'"  1 
ATOM   500 N N9     . DG  B 2 4  ? -6.004  -7.735  2.611   1.00 0.00 ? 17 DG  B N9     1 
ATOM   501 C C8     . DG  B 2 4  ? -5.713  -7.844  1.273   1.00 0.00 ? 17 DG  B C8     1 
ATOM   502 N N7     . DG  B 2 4  ? -4.514  -8.298  1.014   1.00 0.00 ? 17 DG  B N7     1 
ATOM   503 C C5     . DG  B 2 4  ? -3.953  -8.464  2.291   1.00 0.00 ? 17 DG  B C5     1 
ATOM   504 C C6     . DG  B 2 4  ? -2.650  -8.902  2.718   1.00 0.00 ? 17 DG  B C6     1 
ATOM   505 O O6     . DG  B 2 4  ? -1.693  -9.276  2.040   1.00 0.00 ? 17 DG  B O6     1 
ATOM   506 N N1     . DG  B 2 4  ? -2.483  -8.878  4.088   1.00 0.00 ? 17 DG  B N1     1 
ATOM   507 C C2     . DG  B 2 4  ? -3.449  -8.501  4.959   1.00 0.00 ? 17 DG  B C2     1 
ATOM   508 N N2     . DG  B 2 4  ? -3.151  -8.508  6.226   1.00 0.00 ? 17 DG  B N2     1 
ATOM   509 N N3     . DG  B 2 4  ? -4.668  -8.109  4.620   1.00 0.00 ? 17 DG  B N3     1 
ATOM   510 C C4     . DG  B 2 4  ? -4.859  -8.109  3.267   1.00 0.00 ? 17 DG  B C4     1 
ATOM   511 H "H5'"  . DG  B 2 4  ? -10.225 -9.220  1.721   1.00 0.00 ? 17 DG  B "H5'"  1 
ATOM   512 H "H5''" . DG  B 2 4  ? -11.297 -7.818  1.847   1.00 0.00 ? 17 DG  B "H5''" 1 
ATOM   513 H "H4'"  . DG  B 2 4  ? -10.107 -7.957  3.883   1.00 0.00 ? 17 DG  B "H4'"  1 
ATOM   514 H "H3'"  . DG  B 2 4  ? -9.924  -5.633  2.315   1.00 0.00 ? 17 DG  B "H3'"  1 
ATOM   515 H "H2'"  . DG  B 2 4  ? -7.724  -6.003  1.607   1.00 0.00 ? 17 DG  B "H2'"  1 
ATOM   516 H "H2''" . DG  B 2 4  ? -7.345  -5.140  3.121   1.00 0.00 ? 17 DG  B "H2''" 1 
ATOM   517 H "H1'"  . DG  B 2 4  ? -7.076  -7.158  4.342   1.00 0.00 ? 17 DG  B "H1'"  1 
ATOM   518 H H8     . DG  B 2 4  ? -6.436  -7.585  0.509   1.00 0.00 ? 17 DG  B H8     1 
ATOM   519 H H1     . DG  B 2 4  ? -1.589  -9.170  4.451   1.00 0.00 ? 17 DG  B H1     1 
ATOM   520 H H21    . DG  B 2 4  ? -2.230  -8.795  6.546   1.00 0.00 ? 17 DG  B H21    1 
ATOM   521 H H22    . DG  B 2 4  ? -3.869  -8.224  6.869   1.00 0.00 ? 17 DG  B H22    1 
ATOM   522 P P      . DG  B 2 5  ? -9.465  -4.160  4.836   1.00 0.00 ? 18 DG  B P      1 
ATOM   523 O OP1    . DG  B 2 5  ? -10.544 -3.850  5.792   1.00 0.00 ? 18 DG  B OP1    1 
ATOM   524 O OP2    . DG  B 2 5  ? -9.336  -3.287  3.655   1.00 0.00 ? 18 DG  B OP2    1 
ATOM   525 O "O5'"  . DG  B 2 5  ? -8.060  -4.187  5.616   1.00 0.00 ? 18 DG  B "O5'"  1 
ATOM   526 C "C5'"  . DG  B 2 5  ? -7.903  -4.980  6.788   1.00 0.00 ? 18 DG  B "C5'"  1 
ATOM   527 C "C4'"  . DG  B 2 5  ? -6.592  -4.703  7.533   1.00 0.00 ? 18 DG  B "C4'"  1 
ATOM   528 O "O4'"  . DG  B 2 5  ? -5.514  -5.335  6.855   1.00 0.00 ? 18 DG  B "O4'"  1 
ATOM   529 C "C3'"  . DG  B 2 5  ? -6.271  -3.205  7.689   1.00 0.00 ? 18 DG  B "C3'"  1 
ATOM   530 O "O3'"  . DG  B 2 5  ? -5.905  -2.955  9.041   1.00 0.00 ? 18 DG  B "O3'"  1 
ATOM   531 C "C2'"  . DG  B 2 5  ? -5.131  -3.022  6.687   1.00 0.00 ? 18 DG  B "C2'"  1 
ATOM   532 C "C1'"  . DG  B 2 5  ? -4.468  -4.396  6.688   1.00 0.00 ? 18 DG  B "C1'"  1 
ATOM   533 N N9     . DG  B 2 5  ? -3.745  -4.688  5.430   1.00 0.00 ? 18 DG  B N9     1 
ATOM   534 C C8     . DG  B 2 5  ? -4.191  -4.606  4.132   1.00 0.00 ? 18 DG  B C8     1 
ATOM   535 N N7     . DG  B 2 5  ? -3.305  -4.957  3.234   1.00 0.00 ? 18 DG  B N7     1 
ATOM   536 C C5     . DG  B 2 5  ? -2.182  -5.296  4.004   1.00 0.00 ? 18 DG  B C5     1 
ATOM   537 C C6     . DG  B 2 5  ? -0.874  -5.771  3.633   1.00 0.00 ? 18 DG  B C6     1 
ATOM   538 O O6     . DG  B 2 5  ? -0.420  -6.007  2.514   1.00 0.00 ? 18 DG  B O6     1 
ATOM   539 N N1     . DG  B 2 5  ? -0.042  -5.988  4.714   1.00 0.00 ? 18 DG  B N1     1 
ATOM   540 C C2     . DG  B 2 5  ? -0.407  -5.781  6.002   1.00 0.00 ? 18 DG  B C2     1 
ATOM   541 N N2     . DG  B 2 5  ? 0.490   -5.987  6.924   1.00 0.00 ? 18 DG  B N2     1 
ATOM   542 N N3     . DG  B 2 5  ? -1.598  -5.345  6.394   1.00 0.00 ? 18 DG  B N3     1 
ATOM   543 C C4     . DG  B 2 5  ? -2.447  -5.125  5.345   1.00 0.00 ? 18 DG  B C4     1 
ATOM   544 H "H5'"  . DG  B 2 5  ? -7.938  -6.039  6.525   1.00 0.00 ? 18 DG  B "H5'"  1 
ATOM   545 H "H5''" . DG  B 2 5  ? -8.726  -4.775  7.472   1.00 0.00 ? 18 DG  B "H5''" 1 
ATOM   546 H "H4'"  . DG  B 2 5  ? -6.677  -5.143  8.527   1.00 0.00 ? 18 DG  B "H4'"  1 
ATOM   547 H "H3'"  . DG  B 2 5  ? -7.126  -2.586  7.411   1.00 0.00 ? 18 DG  B "H3'"  1 
ATOM   548 H "H2'"  . DG  B 2 5  ? -5.556  -2.798  5.709   1.00 0.00 ? 18 DG  B "H2'"  1 
ATOM   549 H "H2''" . DG  B 2 5  ? -4.427  -2.245  6.978   1.00 0.00 ? 18 DG  B "H2''" 1 
ATOM   550 H "H1'"  . DG  B 2 5  ? -3.777  -4.458  7.533   1.00 0.00 ? 18 DG  B "H1'"  1 
ATOM   551 H H8     . DG  B 2 5  ? -5.197  -4.282  3.893   1.00 0.00 ? 18 DG  B H8     1 
ATOM   552 H H1     . DG  B 2 5  ? 0.889   -6.321  4.514   1.00 0.00 ? 18 DG  B H1     1 
ATOM   553 H H21    . DG  B 2 5  ? 1.433   -6.266  6.668   1.00 0.00 ? 18 DG  B H21    1 
ATOM   554 H H22    . DG  B 2 5  ? 0.229   -5.798  7.877   1.00 0.00 ? 18 DG  B H22    1 
ATOM   555 P P      . DT  B 2 6  ? -5.526  -1.488  9.588   1.00 0.00 ? 19 DT  B P      1 
ATOM   556 O OP1    . DT  B 2 6  ? -5.891  -1.415  11.015  1.00 0.00 ? 19 DT  B OP1    1 
ATOM   557 O OP2    . DT  B 2 6  ? -6.082  -0.459  8.693   1.00 0.00 ? 19 DT  B OP2    1 
ATOM   558 O "O5'"  . DT  B 2 6  ? -3.927  -1.473  9.459   1.00 0.00 ? 19 DT  B "O5'"  1 
ATOM   559 C "C5'"  . DT  B 2 6  ? -3.137  -2.373  10.224  1.00 0.00 ? 19 DT  B "C5'"  1 
ATOM   560 C "C4'"  . DT  B 2 6  ? -1.633  -2.171  10.016  1.00 0.00 ? 19 DT  B "C4'"  1 
ATOM   561 O "O4'"  . DT  B 2 6  ? -1.256  -2.635  8.725   1.00 0.00 ? 19 DT  B "O4'"  1 
ATOM   562 C "C3'"  . DT  B 2 6  ? -1.189  -0.706  10.157  1.00 0.00 ? 19 DT  B "C3'"  1 
ATOM   563 O "O3'"  . DT  B 2 6  ? -0.055  -0.654  11.012  1.00 0.00 ? 19 DT  B "O3'"  1 
ATOM   564 C "C2'"  . DT  B 2 6  ? -0.884  -0.323  8.709   1.00 0.00 ? 19 DT  B "C2'"  1 
ATOM   565 C "C1'"  . DT  B 2 6  ? -0.418  -1.661  8.132   1.00 0.00 ? 19 DT  B "C1'"  1 
ATOM   566 N N1     . DT  B 2 6  ? -0.511  -1.775  6.652   1.00 0.00 ? 19 DT  B N1     1 
ATOM   567 C C2     . DT  B 2 6  ? 0.577   -2.341  5.973   1.00 0.00 ? 19 DT  B C2     1 
ATOM   568 O O2     . DT  B 2 6  ? 1.619   -2.709  6.515   1.00 0.00 ? 19 DT  B O2     1 
ATOM   569 N N3     . DT  B 2 6  ? 0.451   -2.480  4.613   1.00 0.00 ? 19 DT  B N3     1 
ATOM   570 C C4     . DT  B 2 6  ? -0.620  -2.086  3.851   1.00 0.00 ? 19 DT  B C4     1 
ATOM   571 O O4     . DT  B 2 6  ? -0.567  -2.262  2.635   1.00 0.00 ? 19 DT  B O4     1 
ATOM   572 C C5     . DT  B 2 6  ? -1.723  -1.504  4.614   1.00 0.00 ? 19 DT  B C5     1 
ATOM   573 C C7     . DT  B 2 6  ? -2.986  -1.036  3.920   1.00 0.00 ? 19 DT  B C7     1 
ATOM   574 C C6     . DT  B 2 6  ? -1.642  -1.378  5.964   1.00 0.00 ? 19 DT  B C6     1 
ATOM   575 H "H5'"  . DT  B 2 6  ? -3.389  -3.403  9.962   1.00 0.00 ? 19 DT  B "H5'"  1 
ATOM   576 H "H5''" . DT  B 2 6  ? -3.354  -2.227  11.283  1.00 0.00 ? 19 DT  B "H5''" 1 
ATOM   577 H "H4'"  . DT  B 2 6  ? -1.110  -2.766  10.766  1.00 0.00 ? 19 DT  B "H4'"  1 
ATOM   578 H "H3'"  . DT  B 2 6  ? -1.995  -0.088  10.558  1.00 0.00 ? 19 DT  B "H3'"  1 
ATOM   579 H "H2'"  . DT  B 2 6  ? -1.806  0.021   8.247   1.00 0.00 ? 19 DT  B "H2'"  1 
ATOM   580 H "H2''" . DT  B 2 6  ? -0.118  0.445   8.617   1.00 0.00 ? 19 DT  B "H2''" 1 
ATOM   581 H "H1'"  . DT  B 2 6  ? 0.613   -1.824  8.464   1.00 0.00 ? 19 DT  B "H1'"  1 
ATOM   582 H H3     . DT  B 2 6  ? 1.242   -2.872  4.127   1.00 0.00 ? 19 DT  B H3     1 
ATOM   583 H H71    . DT  B 2 6  ? -3.321  -0.094  4.330   1.00 0.00 ? 19 DT  B H71    1 
ATOM   584 H H72    . DT  B 2 6  ? -2.818  -0.891  2.862   1.00 0.00 ? 19 DT  B H72    1 
ATOM   585 H H73    . DT  B 2 6  ? -3.773  -1.762  4.043   1.00 0.00 ? 19 DT  B H73    1 
ATOM   586 H H6     . DT  B 2 6  ? -2.487  -0.969  6.500   1.00 0.00 ? 19 DT  B H6     1 
ATOM   587 P P      . DA  B 2 7  ? 0.668   0.725   11.406  1.00 0.00 ? 20 DA  B P      1 
ATOM   588 O OP1    . DA  B 2 7  ? 1.256   0.577   12.749  1.00 0.00 ? 20 DA  B OP1    1 
ATOM   589 O OP2    . DA  B 2 7  ? -0.258  1.852   11.193  1.00 0.00 ? 20 DA  B OP2    1 
ATOM   590 O "O5'"  . DA  B 2 7  ? 1.851   0.815   10.327  1.00 0.00 ? 20 DA  B "O5'"  1 
ATOM   591 C "C5'"  . DA  B 2 7  ? 2.957   -0.079  10.387  1.00 0.00 ? 20 DA  B "C5'"  1 
ATOM   592 C "C4'"  . DA  B 2 7  ? 4.022   0.242   9.335   1.00 0.00 ? 20 DA  B "C4'"  1 
ATOM   593 O "O4'"  . DA  B 2 7  ? 3.591   -0.204  8.055   1.00 0.00 ? 20 DA  B "O4'"  1 
ATOM   594 C "C3'"  . DA  B 2 7  ? 4.348   1.745   9.239   1.00 0.00 ? 20 DA  B "C3'"  1 
ATOM   595 O "O3'"  . DA  B 2 7  ? 5.760   1.911   9.286   1.00 0.00 ? 20 DA  B "O3'"  1 
ATOM   596 C "C2'"  . DA  B 2 7  ? 3.735   2.108   7.887   1.00 0.00 ? 20 DA  B "C2'"  1 
ATOM   597 C "C1'"  . DA  B 2 7  ? 3.927   0.803   7.124   1.00 0.00 ? 20 DA  B "C1'"  1 
ATOM   598 N N9     . DA  B 2 7  ? 3.077   0.688   5.921   1.00 0.00 ? 20 DA  B N9     1 
ATOM   599 C C8     . DA  B 2 7  ? 1.757   1.038   5.747   1.00 0.00 ? 20 DA  B C8     1 
ATOM   600 N N7     . DA  B 2 7  ? 1.307   0.852   4.532   1.00 0.00 ? 20 DA  B N7     1 
ATOM   601 C C5     . DA  B 2 7  ? 2.433   0.346   3.859   1.00 0.00 ? 20 DA  B C5     1 
ATOM   602 C C6     . DA  B 2 7  ? 2.712   -0.060  2.532   1.00 0.00 ? 20 DA  B C6     1 
ATOM   603 N N6     . DA  B 2 7  ? 1.846   -0.035  1.541   1.00 0.00 ? 20 DA  B N6     1 
ATOM   604 N N1     . DA  B 2 7  ? 3.917   -0.507  2.176   1.00 0.00 ? 20 DA  B N1     1 
ATOM   605 C C2     . DA  B 2 7  ? 4.855   -0.570  3.109   1.00 0.00 ? 20 DA  B C2     1 
ATOM   606 N N3     . DA  B 2 7  ? 4.754   -0.230  4.390   1.00 0.00 ? 20 DA  B N3     1 
ATOM   607 C C4     . DA  B 2 7  ? 3.505   0.229   4.701   1.00 0.00 ? 20 DA  B C4     1 
ATOM   608 H "H5'"  . DA  B 2 7  ? 2.618   -1.106  10.245  1.00 0.00 ? 20 DA  B "H5'"  1 
ATOM   609 H "H5''" . DA  B 2 7  ? 3.427   -0.004  11.368  1.00 0.00 ? 20 DA  B "H5''" 1 
ATOM   610 H "H4'"  . DA  B 2 7  ? 4.931   -0.301  9.602   1.00 0.00 ? 20 DA  B "H4'"  1 
ATOM   611 H "H3'"  . DA  B 2 7  ? 3.872   2.311   10.042  1.00 0.00 ? 20 DA  B "H3'"  1 
ATOM   612 H "H2'"  . DA  B 2 7  ? 2.676   2.327   8.024   1.00 0.00 ? 20 DA  B "H2'"  1 
ATOM   613 H "H2''" . DA  B 2 7  ? 4.235   2.942   7.402   1.00 0.00 ? 20 DA  B "H2''" 1 
ATOM   614 H "H1'"  . DA  B 2 7  ? 4.980   0.712   6.839   1.00 0.00 ? 20 DA  B "H1'"  1 
ATOM   615 H H8     . DA  B 2 7  ? 1.150   1.431   6.554   1.00 0.00 ? 20 DA  B H8     1 
ATOM   616 H H61    . DA  B 2 7  ? 2.151   -0.383  0.649   1.00 0.00 ? 20 DA  B H61    1 
ATOM   617 H H62    . DA  B 2 7  ? 0.911   0.298   1.713   1.00 0.00 ? 20 DA  B H62    1 
ATOM   618 H H2     . DA  B 2 7  ? 5.820   -0.949  2.792   1.00 0.00 ? 20 DA  B H2     1 
ATOM   619 P P      . DC  B 2 8  ? 6.483   3.348   9.210   1.00 0.00 ? 21 DC  B P      1 
ATOM   620 O OP1    . DC  B 2 8  ? 7.731   3.273   9.990   1.00 0.00 ? 21 DC  B OP1    1 
ATOM   621 O OP2    . DC  B 2 8  ? 5.528   4.416   9.560   1.00 0.00 ? 21 DC  B OP2    1 
ATOM   622 O "O5'"  . DC  B 2 8  ? 6.855   3.473   7.654   1.00 0.00 ? 21 DC  B "O5'"  1 
ATOM   623 C "C5'"  . DC  B 2 8  ? 7.827   2.608   7.078   1.00 0.00 ? 21 DC  B "C5'"  1 
ATOM   624 C "C4'"  . DC  B 2 8  ? 8.024   2.865   5.586   1.00 0.00 ? 21 DC  B "C4'"  1 
ATOM   625 O "O4'"  . DC  B 2 8  ? 6.857   2.463   4.889   1.00 0.00 ? 21 DC  B "O4'"  1 
ATOM   626 C "C3'"  . DC  B 2 8  ? 8.332   4.328   5.234   1.00 0.00 ? 21 DC  B "C3'"  1 
ATOM   627 O "O3'"  . DC  B 2 8  ? 9.708   4.472   4.896   1.00 0.00 ? 21 DC  B "O3'"  1 
ATOM   628 C "C2'"  . DC  B 2 8  ? 7.377   4.602   4.074   1.00 0.00 ? 21 DC  B "C2'"  1 
ATOM   629 C "C1'"  . DC  B 2 8  ? 6.738   3.259   3.731   1.00 0.00 ? 21 DC  B "C1'"  1 
ATOM   630 N N1     . DC  B 2 8  ? 5.302   3.415   3.379   1.00 0.00 ? 21 DC  B N1     1 
ATOM   631 C C2     . DC  B 2 8  ? 4.903   3.239   2.052   1.00 0.00 ? 21 DC  B C2     1 
ATOM   632 O O2     . DC  B 2 8  ? 5.705   2.973   1.158   1.00 0.00 ? 21 DC  B O2     1 
ATOM   633 N N3     . DC  B 2 8  ? 3.602   3.361   1.700   1.00 0.00 ? 21 DC  B N3     1 
ATOM   634 C C4     . DC  B 2 8  ? 2.727   3.680   2.630   1.00 0.00 ? 21 DC  B C4     1 
ATOM   635 N N4     . DC  B 2 8  ? 1.487   3.732   2.238   1.00 0.00 ? 21 DC  B N4     1 
ATOM   636 C C5     . DC  B 2 8  ? 3.072   3.911   3.988   1.00 0.00 ? 21 DC  B C5     1 
ATOM   637 C C6     . DC  B 2 8  ? 4.377   3.764   4.331   1.00 0.00 ? 21 DC  B C6     1 
ATOM   638 H "H5'"  . DC  B 2 8  ? 7.519   1.569   7.209   1.00 0.00 ? 21 DC  B "H5'"  1 
ATOM   639 H "H5''" . DC  B 2 8  ? 8.784   2.751   7.580   1.00 0.00 ? 21 DC  B "H5''" 1 
ATOM   640 H "H4'"  . DC  B 2 8  ? 8.857   2.251   5.239   1.00 0.00 ? 21 DC  B "H4'"  1 
ATOM   641 H "H3'"  . DC  B 2 8  ? 8.076   4.985   6.067   1.00 0.00 ? 21 DC  B "H3'"  1 
ATOM   642 H "H2'"  . DC  B 2 8  ? 6.629   5.317   4.414   1.00 0.00 ? 21 DC  B "H2'"  1 
ATOM   643 H "H2''" . DC  B 2 8  ? 7.888   4.986   3.197   1.00 0.00 ? 21 DC  B "H2''" 1 
ATOM   644 H "H1'"  . DC  B 2 8  ? 7.297   2.798   2.910   1.00 0.00 ? 21 DC  B "H1'"  1 
ATOM   645 H H41    . DC  B 2 8  ? 1.303   3.477   1.274   1.00 0.00 ? 21 DC  B H41    1 
ATOM   646 H H42    . DC  B 2 8  ? 0.755   3.914   2.900   1.00 0.00 ? 21 DC  B H42    1 
ATOM   647 H H5     . DC  B 2 8  ? 2.340   4.178   4.733   1.00 0.00 ? 21 DC  B H5     1 
ATOM   648 H H6     . DC  B 2 8  ? 4.713   3.911   5.353   1.00 0.00 ? 21 DC  B H6     1 
ATOM   649 P P      . DT  B 2 9  ? 10.364  5.883   4.470   1.00 0.00 ? 22 DT  B P      1 
ATOM   650 O OP1    . DT  B 2 9  ? 11.806  5.830   4.772   1.00 0.00 ? 22 DT  B OP1    1 
ATOM   651 O OP2    . DT  B 2 9  ? 9.589   6.991   5.059   1.00 0.00 ? 22 DT  B OP2    1 
ATOM   652 O "O5'"  . DT  B 2 9  ? 10.179  5.914   2.874   1.00 0.00 ? 22 DT  B "O5'"  1 
ATOM   653 C "C5'"  . DT  B 2 9  ? 10.774  4.904   2.069   1.00 0.00 ? 22 DT  B "C5'"  1 
ATOM   654 C "C4'"  . DT  B 2 9  ? 10.464  5.061   0.579   1.00 0.00 ? 22 DT  B "C4'"  1 
ATOM   655 O "O4'"  . DT  B 2 9  ? 9.086   4.783   0.360   1.00 0.00 ? 22 DT  B "O4'"  1 
ATOM   656 C "C3'"  . DT  B 2 9  ? 10.786  6.457   0.020   1.00 0.00 ? 22 DT  B "C3'"  1 
ATOM   657 O "O3'"  . DT  B 2 9  ? 11.475  6.315   -1.215  1.00 0.00 ? 22 DT  B "O3'"  1 
ATOM   658 C "C2'"  . DT  B 2 9  ? 9.394   7.061   -0.128  1.00 0.00 ? 22 DT  B "C2'"  1 
ATOM   659 C "C1'"  . DT  B 2 9  ? 8.542   5.828   -0.423  1.00 0.00 ? 22 DT  B "C1'"  1 
ATOM   660 N N1     . DT  B 2 9  ? 7.107   6.024   -0.087  1.00 0.00 ? 22 DT  B N1     1 
ATOM   661 C C2     . DT  B 2 9  ? 6.162   5.746   -1.080  1.00 0.00 ? 22 DT  B C2     1 
ATOM   662 O O2     . DT  B 2 9  ? 6.437   5.327   -2.204  1.00 0.00 ? 22 DT  B O2     1 
ATOM   663 N N3     . DT  B 2 9  ? 4.850   5.994   -0.763  1.00 0.00 ? 22 DT  B N3     1 
ATOM   664 C C4     . DT  B 2 9  ? 4.385   6.519   0.418   1.00 0.00 ? 22 DT  B C4     1 
ATOM   665 O O4     . DT  B 2 9  ? 3.178   6.714   0.541   1.00 0.00 ? 22 DT  B O4     1 
ATOM   666 C C5     . DT  B 2 9  ? 5.418   6.790   1.414   1.00 0.00 ? 22 DT  B C5     1 
ATOM   667 C C7     . DT  B 2 9  ? 5.048   7.397   2.754   1.00 0.00 ? 22 DT  B C7     1 
ATOM   668 C C6     . DT  B 2 9  ? 6.720   6.527   1.141   1.00 0.00 ? 22 DT  B C6     1 
ATOM   669 H "H5'"  . DT  B 2 9  ? 10.415  3.923   2.386   1.00 0.00 ? 22 DT  B "H5'"  1 
ATOM   670 H "H5''" . DT  B 2 9  ? 11.855  4.932   2.201   1.00 0.00 ? 22 DT  B "H5''" 1 
ATOM   671 H "H4'"  . DT  B 2 9  ? 11.060  4.323   0.038   1.00 0.00 ? 22 DT  B "H4'"  1 
ATOM   672 H "H3'"  . DT  B 2 9  ? 11.383  7.039   0.725   1.00 0.00 ? 22 DT  B "H3'"  1 
ATOM   673 H "H2'"  . DT  B 2 9  ? 9.124   7.528   0.817   1.00 0.00 ? 22 DT  B "H2'"  1 
ATOM   674 H "H2''" . DT  B 2 9  ? 9.324   7.792   -0.929  1.00 0.00 ? 22 DT  B "H2''" 1 
ATOM   675 H "H1'"  . DT  B 2 9  ? 8.663   5.577   -1.481  1.00 0.00 ? 22 DT  B "H1'"  1 
ATOM   676 H H3     . DT  B 2 9  ? 4.170   5.772   -1.474  1.00 0.00 ? 22 DT  B H3     1 
ATOM   677 H H71    . DT  B 2 9  ? 4.963   8.473   2.657   1.00 0.00 ? 22 DT  B H71    1 
ATOM   678 H H72    . DT  B 2 9  ? 4.097   7.004   3.094   1.00 0.00 ? 22 DT  B H72    1 
ATOM   679 H H73    . DT  B 2 9  ? 5.797   7.186   3.505   1.00 0.00 ? 22 DT  B H73    1 
ATOM   680 H H6     . DT  B 2 9  ? 7.468   6.729   1.897   1.00 0.00 ? 22 DT  B H6     1 
ATOM   681 P P      . DT  B 2 10 ? 11.921  7.567   -2.125  1.00 0.00 ? 23 DT  B P      1 
ATOM   682 O OP1    . DT  B 2 10 ? 13.191  7.225   -2.789  1.00 0.00 ? 23 DT  B OP1    1 
ATOM   683 O OP2    . DT  B 2 10 ? 11.888  8.808   -1.329  1.00 0.00 ? 23 DT  B OP2    1 
ATOM   684 O "O5'"  . DT  B 2 10 ? 10.757  7.625   -3.230  1.00 0.00 ? 23 DT  B "O5'"  1 
ATOM   685 C "C5'"  . DT  B 2 10 ? 10.559  6.531   -4.120  1.00 0.00 ? 23 DT  B "C5'"  1 
ATOM   686 C "C4'"  . DT  B 2 10 ? 9.548   6.833   -5.228  1.00 0.00 ? 23 DT  B "C4'"  1 
ATOM   687 O "O4'"  . DT  B 2 10 ? 8.239   6.868   -4.680  1.00 0.00 ? 23 DT  B "O4'"  1 
ATOM   688 C "C3'"  . DT  B 2 10 ? 9.820   8.164   -5.950  1.00 0.00 ? 23 DT  B "C3'"  1 
ATOM   689 O "O3'"  . DT  B 2 10 ? 9.703   7.962   -7.351  1.00 0.00 ? 23 DT  B "O3'"  1 
ATOM   690 C "C2'"  . DT  B 2 10 ? 8.740   9.071   -5.363  1.00 0.00 ? 23 DT  B "C2'"  1 
ATOM   691 C "C1'"  . DT  B 2 10 ? 7.617   8.076   -5.068  1.00 0.00 ? 23 DT  B "C1'"  1 
ATOM   692 N N1     . DT  B 2 10 ? 6.692   8.503   -3.986  1.00 0.00 ? 23 DT  B N1     1 
ATOM   693 C C2     . DT  B 2 10 ? 5.319   8.408   -4.233  1.00 0.00 ? 23 DT  B C2     1 
ATOM   694 O O2     . DT  B 2 10 ? 4.828   7.993   -5.283  1.00 0.00 ? 23 DT  B O2     1 
ATOM   695 N N3     . DT  B 2 10 ? 4.487   8.821   -3.225  1.00 0.00 ? 23 DT  B N3     1 
ATOM   696 C C4     . DT  B 2 10 ? 4.865   9.329   -2.007  1.00 0.00 ? 23 DT  B C4     1 
ATOM   697 O O4     . DT  B 2 10 ? 3.986   9.660   -1.213  1.00 0.00 ? 23 DT  B O4     1 
ATOM   698 C C5     . DT  B 2 10 ? 6.308   9.401   -1.805  1.00 0.00 ? 23 DT  B C5     1 
ATOM   699 C C7     . DT  B 2 10 ? 6.886   9.962   -0.521  1.00 0.00 ? 23 DT  B C7     1 
ATOM   700 C C6     . DT  B 2 10 ? 7.162   8.977   -2.774  1.00 0.00 ? 23 DT  B C6     1 
ATOM   701 H "H5'"  . DT  B 2 10 ? 10.216  5.659   -3.561  1.00 0.00 ? 23 DT  B "H5'"  1 
ATOM   702 H "H5''" . DT  B 2 10 ? 11.506  6.278   -4.596  1.00 0.00 ? 23 DT  B "H5''" 1 
ATOM   703 H "H4'"  . DT  B 2 10 ? 9.599   6.022   -5.956  1.00 0.00 ? 23 DT  B "H4'"  1 
ATOM   704 H "H3'"  . DT  B 2 10 ? 10.814  8.542   -5.704  1.00 0.00 ? 23 DT  B "H3'"  1 
ATOM   705 H "H2'"  . DT  B 2 10 ? 9.132   9.525   -4.457  1.00 0.00 ? 23 DT  B "H2'"  1 
ATOM   706 H "H2''" . DT  B 2 10 ? 8.412   9.848   -6.050  1.00 0.00 ? 23 DT  B "H2''" 1 
ATOM   707 H "H1'"  . DT  B 2 10 ? 7.068   7.910   -6.000  1.00 0.00 ? 23 DT  B "H1'"  1 
ATOM   708 H H3     . DT  B 2 10 ? 3.499   8.771   -3.413  1.00 0.00 ? 23 DT  B H3     1 
ATOM   709 H H71    . DT  B 2 10 ? 6.158   10.572  -0.003  1.00 0.00 ? 23 DT  B H71    1 
ATOM   710 H H72    . DT  B 2 10 ? 7.194   9.166   0.140   1.00 0.00 ? 23 DT  B H72    1 
ATOM   711 H H73    . DT  B 2 10 ? 7.744   10.586  -0.736  1.00 0.00 ? 23 DT  B H73    1 
ATOM   712 H H6     . DT  B 2 10 ? 8.228   9.015   -2.590  1.00 0.00 ? 23 DT  B H6     1 
ATOM   713 P P      . DT  B 2 11 ? 9.949   9.136   -8.423  1.00 0.00 ? 24 DT  B P      1 
ATOM   714 O OP1    . DT  B 2 11 ? 10.473  8.530   -9.660  1.00 0.00 ? 24 DT  B OP1    1 
ATOM   715 O OP2    . DT  B 2 11 ? 10.739  10.221  -7.812  1.00 0.00 ? 24 DT  B OP2    1 
ATOM   716 O "O5'"  . DT  B 2 11 ? 8.462   9.669   -8.697  1.00 0.00 ? 24 DT  B "O5'"  1 
ATOM   717 C "C5'"  . DT  B 2 11 ? 7.509   8.827   -9.330  1.00 0.00 ? 24 DT  B "C5'"  1 
ATOM   718 C "C4'"  . DT  B 2 11 ? 6.161   9.518   -9.539  1.00 0.00 ? 24 DT  B "C4'"  1 
ATOM   719 O "O4'"  . DT  B 2 11 ? 5.506   9.674   -8.287  1.00 0.00 ? 24 DT  B "O4'"  1 
ATOM   720 C "C3'"  . DT  B 2 11 ? 6.277   10.898  -10.207 1.00 0.00 ? 24 DT  B "C3'"  1 
ATOM   721 O "O3'"  . DT  B 2 11 ? 5.410   10.943  -11.330 1.00 0.00 ? 24 DT  B "O3'"  1 
ATOM   722 C "C2'"  . DT  B 2 11 ? 5.856   11.838  -9.080  1.00 0.00 ? 24 DT  B "C2'"  1 
ATOM   723 C "C1'"  . DT  B 2 11 ? 4.906   10.952  -8.278  1.00 0.00 ? 24 DT  B "C1'"  1 
ATOM   724 N N1     . DT  B 2 11 ? 4.696   11.398  -6.877  1.00 0.00 ? 24 DT  B N1     1 
ATOM   725 C C2     . DT  B 2 11 ? 3.380   11.485  -6.408  1.00 0.00 ? 24 DT  B C2     1 
ATOM   726 O O2     . DT  B 2 11 ? 2.385   11.204  -7.077  1.00 0.00 ? 24 DT  B O2     1 
ATOM   727 N N3     . DT  B 2 11 ? 3.215   11.918  -5.117  1.00 0.00 ? 24 DT  B N3     1 
ATOM   728 C C4     . DT  B 2 11 ? 4.210   12.311  -4.259  1.00 0.00 ? 24 DT  B C4     1 
ATOM   729 O O4     . DT  B 2 11 ? 3.899   12.698  -3.134  1.00 0.00 ? 24 DT  B O4     1 
ATOM   730 C C5     . DT  B 2 11 ? 5.558   12.193  -4.802  1.00 0.00 ? 24 DT  B C5     1 
ATOM   731 C C7     . DT  B 2 11 ? 6.761   12.578  -3.966  1.00 0.00 ? 24 DT  B C7     1 
ATOM   732 C C6     . DT  B 2 11 ? 5.760   11.734  -6.063  1.00 0.00 ? 24 DT  B C6     1 
ATOM   733 H "H5'"  . DT  B 2 11 ? 7.349   7.930   -8.731  1.00 0.00 ? 24 DT  B "H5'"  1 
ATOM   734 H "H5''" . DT  B 2 11 ? 7.890   8.526   -10.307 1.00 0.00 ? 24 DT  B "H5''" 1 
ATOM   735 H "H4'"  . DT  B 2 11 ? 5.550   8.875   -10.174 1.00 0.00 ? 24 DT  B "H4'"  1 
ATOM   736 H "H3'"  . DT  B 2 11 ? 7.305   11.106  -10.510 1.00 0.00 ? 24 DT  B "H3'"  1 
ATOM   737 H "H2'"  . DT  B 2 11 ? 6.743   12.104  -8.509  1.00 0.00 ? 24 DT  B "H2'"  1 
ATOM   738 H "H2''" . DT  B 2 11 ? 5.359   12.737  -9.435  1.00 0.00 ? 24 DT  B "H2''" 1 
ATOM   739 H "H1'"  . DT  B 2 11 ? 3.953   10.908  -8.816  1.00 0.00 ? 24 DT  B "H1'"  1 
ATOM   740 H H3     . DT  B 2 11 ? 2.269   12.004  -4.781  1.00 0.00 ? 24 DT  B H3     1 
ATOM   741 H H71    . DT  B 2 11 ? 7.415   13.240  -4.519  1.00 0.00 ? 24 DT  B H71    1 
ATOM   742 H H72    . DT  B 2 11 ? 6.453   13.095  -3.067  1.00 0.00 ? 24 DT  B H72    1 
ATOM   743 H H73    . DT  B 2 11 ? 7.313   11.694  -3.682  1.00 0.00 ? 24 DT  B H73    1 
ATOM   744 H H6     . DT  B 2 11 ? 6.773   11.633  -6.428  1.00 0.00 ? 24 DT  B H6     1 
ATOM   745 P P      . DG  B 2 12 ? 5.291   12.235  -12.282 1.00 0.00 ? 25 DG  B P      1 
ATOM   746 O OP1    . DG  B 2 12 ? 5.118   11.772  -13.671 1.00 0.00 ? 25 DG  B OP1    1 
ATOM   747 O OP2    . DG  B 2 12 ? 6.401   13.164  -12.009 1.00 0.00 ? 25 DG  B OP2    1 
ATOM   748 O "O5'"  . DG  B 2 12 ? 3.928   12.910  -11.777 1.00 0.00 ? 25 DG  B "O5'"  1 
ATOM   749 C "C5'"  . DG  B 2 12 ? 2.684   12.259  -11.987 1.00 0.00 ? 25 DG  B "C5'"  1 
ATOM   750 C "C4'"  . DG  B 2 12 ? 1.494   13.103  -11.529 1.00 0.00 ? 25 DG  B "C4'"  1 
ATOM   751 O "O4'"  . DG  B 2 12 ? 1.469   13.153  -10.110 1.00 0.00 ? 25 DG  B "O4'"  1 
ATOM   752 C "C3'"  . DG  B 2 12 ? 1.516   14.541  -12.075 1.00 0.00 ? 25 DG  B "C3'"  1 
ATOM   753 O "O3'"  . DG  B 2 12 ? 0.231   14.842  -12.602 1.00 0.00 ? 25 DG  B "O3'"  1 
ATOM   754 C "C2'"  . DG  B 2 12 ? 1.879   15.351  -10.833 1.00 0.00 ? 25 DG  B "C2'"  1 
ATOM   755 C "C1'"  . DG  B 2 12 ? 1.280   14.498  -9.725  1.00 0.00 ? 25 DG  B "C1'"  1 
ATOM   756 N N9     . DG  B 2 12 ? 1.929   14.734  -8.421  1.00 0.00 ? 25 DG  B N9     1 
ATOM   757 C C8     . DG  B 2 12 ? 3.261   14.718  -8.086  1.00 0.00 ? 25 DG  B C8     1 
ATOM   758 N N7     . DG  B 2 12 ? 3.504   14.986  -6.828  1.00 0.00 ? 25 DG  B N7     1 
ATOM   759 C C5     . DG  B 2 12 ? 2.225   15.224  -6.299  1.00 0.00 ? 25 DG  B C5     1 
ATOM   760 C C6     . DG  B 2 12 ? 1.780   15.601  -4.982  1.00 0.00 ? 25 DG  B C6     1 
ATOM   761 O O6     . DG  B 2 12 ? 2.442   15.789  -3.961  1.00 0.00 ? 25 DG  B O6     1 
ATOM   762 N N1     . DG  B 2 12 ? 0.413   15.780  -4.896  1.00 0.00 ? 25 DG  B N1     1 
ATOM   763 C C2     . DG  B 2 12 ? -0.441  15.595  -5.931  1.00 0.00 ? 25 DG  B C2     1 
ATOM   764 N N2     . DG  B 2 12 ? -1.707  15.813  -5.732  1.00 0.00 ? 25 DG  B N2     1 
ATOM   765 N N3     . DG  B 2 12 ? -0.084  15.231  -7.152  1.00 0.00 ? 25 DG  B N3     1 
ATOM   766 C C4     . DG  B 2 12 ? 1.265   15.068  -7.274  1.00 0.00 ? 25 DG  B C4     1 
ATOM   767 H "H5'"  . DG  B 2 12 ? 2.665   11.308  -11.454 1.00 0.00 ? 25 DG  B "H5'"  1 
ATOM   768 H "H5''" . DG  B 2 12 ? 2.561   12.060  -13.051 1.00 0.00 ? 25 DG  B "H5''" 1 
ATOM   769 H "H4'"  . DG  B 2 12 ? 0.583   12.614  -11.874 1.00 0.00 ? 25 DG  B "H4'"  1 
ATOM   770 H "H3'"  . DG  B 2 12 ? 2.282   14.663  -12.844 1.00 0.00 ? 25 DG  B "H3'"  1 
ATOM   771 H "H2'"  . DG  B 2 12 ? 2.963   15.398  -10.742 1.00 0.00 ? 25 DG  B "H2'"  1 
ATOM   772 H "H2''" . DG  B 2 12 ? 1.455   16.352  -10.839 1.00 0.00 ? 25 DG  B "H2''" 1 
ATOM   773 H "H1'"  . DG  B 2 12 ? 0.209   14.714  -9.654  1.00 0.00 ? 25 DG  B "H1'"  1 
ATOM   774 H H8     . DG  B 2 12 ? 4.029   14.490  -8.816  1.00 0.00 ? 25 DG  B H8     1 
ATOM   775 H H1     . DG  B 2 12 ? 0.041   16.037  -3.996  1.00 0.00 ? 25 DG  B H1     1 
ATOM   776 H H21    . DG  B 2 12 ? -2.045  16.107  -4.820  1.00 0.00 ? 25 DG  B H21    1 
ATOM   777 H H22    . DG  B 2 12 ? -2.322  15.688  -6.516  1.00 0.00 ? 25 DG  B H22    1 
ATOM   778 P P      . DG  B 2 13 ? -0.129  16.253  -13.284 1.00 0.00 ? 26 DG  B P      1 
ATOM   779 O OP1    . DG  B 2 13 ? -1.117  16.015  -14.354 1.00 0.00 ? 26 DG  B OP1    1 
ATOM   780 O OP2    . DG  B 2 13 ? 1.109   16.963  -13.650 1.00 0.00 ? 26 DG  B OP2    1 
ATOM   781 O "O5'"  . DG  B 2 13 ? -0.835  17.048  -12.086 1.00 0.00 ? 26 DG  B "O5'"  1 
ATOM   782 C "C5'"  . DG  B 2 13 ? -2.042  16.564  -11.513 1.00 0.00 ? 26 DG  B "C5'"  1 
ATOM   783 C "C4'"  . DG  B 2 13 ? -2.576  17.472  -10.404 1.00 0.00 ? 26 DG  B "C4'"  1 
ATOM   784 O "O4'"  . DG  B 2 13 ? -1.749  17.338  -9.256  1.00 0.00 ? 26 DG  B "O4'"  1 
ATOM   785 C "C3'"  . DG  B 2 13 ? -2.612  18.965  -10.796 1.00 0.00 ? 26 DG  B "C3'"  1 
ATOM   786 O "O3'"  . DG  B 2 13 ? -3.796  19.610  -10.333 1.00 0.00 ? 26 DG  B "O3'"  1 
ATOM   787 C "C2'"  . DG  B 2 13 ? -1.427  19.524  -10.026 1.00 0.00 ? 26 DG  B "C2'"  1 
ATOM   788 C "C1'"  . DG  B 2 13 ? -1.472  18.640  -8.787  1.00 0.00 ? 26 DG  B "C1'"  1 
ATOM   789 N N9     . DG  B 2 13 ? -0.218  18.667  -8.016  1.00 0.00 ? 26 DG  B N9     1 
ATOM   790 C C8     . DG  B 2 13 ? 1.076   18.460  -8.426  1.00 0.00 ? 26 DG  B C8     1 
ATOM   791 N N7     . DG  B 2 13 ? 1.965   18.576  -7.473  1.00 0.00 ? 26 DG  B N7     1 
ATOM   792 C C5     . DG  B 2 13 ? 1.193   18.904  -6.348  1.00 0.00 ? 26 DG  B C5     1 
ATOM   793 C C6     . DG  B 2 13 ? 1.550   19.182  -4.983  1.00 0.00 ? 26 DG  B C6     1 
ATOM   794 O O6     . DG  B 2 13 ? 2.664   19.200  -4.459  1.00 0.00 ? 26 DG  B O6     1 
ATOM   795 N N1     . DG  B 2 13 ? 0.465   19.476  -4.181  1.00 0.00 ? 26 DG  B N1     1 
ATOM   796 C C2     . DG  B 2 13 ? -0.813  19.528  -4.625  1.00 0.00 ? 26 DG  B C2     1 
ATOM   797 N N2     . DG  B 2 13 ? -1.739  19.897  -3.787  1.00 0.00 ? 26 DG  B N2     1 
ATOM   798 N N3     . DG  B 2 13 ? -1.194  19.287  -5.871  1.00 0.00 ? 26 DG  B N3     1 
ATOM   799 C C4     . DG  B 2 13 ? -0.142  18.971  -6.683  1.00 0.00 ? 26 DG  B C4     1 
ATOM   800 H "H5'"  . DG  B 2 13 ? -1.880  15.568  -11.099 1.00 0.00 ? 26 DG  B "H5'"  1 
ATOM   801 H "H5''" . DG  B 2 13 ? -2.805  16.497  -12.289 1.00 0.00 ? 26 DG  B "H5''" 1 
ATOM   802 H "H4'"  . DG  B 2 13 ? -3.584  17.142  -10.156 1.00 0.00 ? 26 DG  B "H4'"  1 
ATOM   803 H "H3'"  . DG  B 2 13 ? -2.475  19.105  -11.872 1.00 0.00 ? 26 DG  B "H3'"  1 
ATOM   804 H "HO3'" . DG  B 2 13 ? -4.448  19.656  -11.063 1.00 0.00 ? 26 DG  B "HO3'" 1 
ATOM   805 H "H2'"  . DG  B 2 13 ? -0.507  19.361  -10.587 1.00 0.00 ? 26 DG  B "H2'"  1 
ATOM   806 H "H2''" . DG  B 2 13 ? -1.553  20.579  -9.778  1.00 0.00 ? 26 DG  B "H2''" 1 
ATOM   807 H "H1'"  . DG  B 2 13 ? -2.297  18.975  -8.152  1.00 0.00 ? 26 DG  B "H1'"  1 
ATOM   808 H H8     . DG  B 2 13 ? 1.318   18.214  -9.454  1.00 0.00 ? 26 DG  B H8     1 
ATOM   809 H H1     . DG  B 2 13 ? 0.643   19.667  -3.208  1.00 0.00 ? 26 DG  B H1     1 
ATOM   810 H H21    . DG  B 2 13 ? -1.511  20.129  -2.825  1.00 0.00 ? 26 DG  B H21    1 
ATOM   811 H H22    . DG  B 2 13 ? -2.683  19.933  -4.132  1.00 0.00 ? 26 DG  B H22    1 
# 
